data_2KFG
#
_entry.id   2KFG
#
loop_
_entity.id
_entity.type
_entity.pdbx_description
1 polymer 'EH domain-containing protein 1'
2 polymer 'Rab11-FIP2 DPF peptide FNYESTDPFTAK'
3 non-polymer 'CALCIUM ION'
#
loop_
_entity_poly.entity_id
_entity_poly.type
_entity_poly.pdbx_seq_one_letter_code
_entity_poly.pdbx_strand_id
1 'polypeptide(L)'
;GPLGSDDVEWVVGKDKPTYDEIFYTLSPVNGKITGANAKKEMVKSKLPNTVLGKIWKLADVDKDGLLDDEEFALANHLIK
VKLEGHELPADLPPHLVPPSKRRHE
;
A
2 'polypeptide(L)' FNYESTDPFTAK B
#
# COMPACT_ATOMS: atom_id res chain seq x y z
N GLY A 1 -14.37 8.68 -14.42
CA GLY A 1 -14.98 9.82 -15.14
C GLY A 1 -14.75 11.13 -14.42
N PRO A 2 -13.83 11.98 -14.94
CA PRO A 2 -13.57 13.29 -14.36
C PRO A 2 -14.69 14.28 -14.63
N LEU A 3 -14.97 15.13 -13.65
CA LEU A 3 -16.03 16.14 -13.72
C LEU A 3 -17.40 15.50 -13.62
N GLY A 4 -18.08 15.74 -12.51
CA GLY A 4 -19.40 15.20 -12.30
C GLY A 4 -19.92 15.52 -10.92
N SER A 5 -20.04 14.51 -10.08
CA SER A 5 -20.49 14.71 -8.70
C SER A 5 -19.85 13.70 -7.76
N ASP A 6 -19.48 12.54 -8.29
CA ASP A 6 -18.82 11.51 -7.50
C ASP A 6 -17.32 11.78 -7.41
N ASP A 7 -16.94 12.49 -6.35
CA ASP A 7 -15.54 12.75 -6.07
C ASP A 7 -15.17 12.15 -4.73
N VAL A 8 -14.14 11.34 -4.71
CA VAL A 8 -13.68 10.71 -3.48
C VAL A 8 -12.28 11.17 -3.14
N GLU A 9 -12.14 11.86 -2.02
CA GLU A 9 -10.85 12.32 -1.57
C GLU A 9 -10.07 11.18 -0.94
N TRP A 10 -9.12 10.67 -1.69
CA TRP A 10 -8.22 9.65 -1.19
C TRP A 10 -7.29 10.26 -0.16
N VAL A 11 -7.44 9.86 1.09
CA VAL A 11 -6.72 10.46 2.21
C VAL A 11 -5.21 10.48 1.98
N VAL A 12 -4.70 9.39 1.43
CA VAL A 12 -3.26 9.22 1.26
C VAL A 12 -2.76 9.99 0.04
N GLY A 13 -3.69 10.63 -0.67
CA GLY A 13 -3.32 11.39 -1.84
C GLY A 13 -2.84 12.78 -1.51
N LYS A 14 -3.06 13.21 -0.26
CA LYS A 14 -2.68 14.57 0.15
C LYS A 14 -1.21 14.61 0.56
N ASP A 15 -0.70 13.49 1.03
CA ASP A 15 0.70 13.41 1.43
C ASP A 15 1.38 12.28 0.67
N LYS A 16 0.92 12.12 -0.57
CA LYS A 16 1.44 11.07 -1.46
C LYS A 16 2.78 11.45 -2.08
N PRO A 17 2.97 12.70 -2.58
CA PRO A 17 4.24 13.12 -3.22
C PRO A 17 5.48 12.77 -2.41
N THR A 18 5.33 12.62 -1.10
CA THR A 18 6.44 12.23 -0.25
C THR A 18 6.81 10.77 -0.53
N TYR A 19 5.79 9.92 -0.61
CA TYR A 19 6.01 8.50 -0.88
C TYR A 19 6.40 8.31 -2.35
N ASP A 20 6.02 9.28 -3.18
CA ASP A 20 6.37 9.27 -4.60
C ASP A 20 7.86 9.53 -4.77
N GLU A 21 8.36 10.50 -4.02
CA GLU A 21 9.78 10.82 -4.03
C GLU A 21 10.57 9.60 -3.56
N ILE A 22 10.11 8.98 -2.48
CA ILE A 22 10.72 7.75 -1.98
C ILE A 22 10.58 6.62 -2.99
N PHE A 23 9.42 6.55 -3.62
CA PHE A 23 9.10 5.51 -4.60
C PHE A 23 10.17 5.43 -5.68
N TYR A 24 10.50 6.57 -6.27
CA TYR A 24 11.46 6.61 -7.37
C TYR A 24 12.90 6.47 -6.86
N THR A 25 13.14 6.80 -5.60
CA THR A 25 14.48 6.70 -5.06
C THR A 25 14.75 5.32 -4.48
N LEU A 26 13.82 4.39 -4.71
CA LEU A 26 13.99 3.00 -4.29
C LEU A 26 14.33 2.12 -5.48
N SER A 27 14.43 2.74 -6.65
CA SER A 27 14.69 2.04 -7.91
C SER A 27 13.49 1.19 -8.32
N PRO A 28 12.52 1.79 -9.04
CA PRO A 28 11.29 1.12 -9.46
C PRO A 28 11.47 0.32 -10.75
N VAL A 29 10.52 -0.56 -11.02
CA VAL A 29 10.54 -1.36 -12.24
C VAL A 29 9.34 -0.99 -13.11
N ASN A 30 9.60 -0.20 -14.14
CA ASN A 30 8.57 0.20 -15.12
C ASN A 30 7.55 1.12 -14.47
N GLY A 31 7.97 1.79 -13.39
CA GLY A 31 7.07 2.68 -12.68
C GLY A 31 6.36 1.99 -11.54
N LYS A 32 6.70 0.73 -11.29
CA LYS A 32 6.11 -0.04 -10.20
C LYS A 32 7.23 -0.75 -9.44
N ILE A 33 7.29 -0.58 -8.13
CA ILE A 33 8.36 -1.21 -7.36
C ILE A 33 7.94 -2.62 -6.94
N THR A 34 8.93 -3.49 -6.78
CA THR A 34 8.65 -4.87 -6.45
C THR A 34 8.63 -5.06 -4.94
N GLY A 35 8.34 -6.29 -4.51
CA GLY A 35 8.32 -6.58 -3.09
C GLY A 35 9.70 -6.50 -2.47
N ALA A 36 10.73 -6.52 -3.31
CA ALA A 36 12.11 -6.43 -2.85
C ALA A 36 12.40 -5.05 -2.31
N ASN A 37 12.23 -4.04 -3.16
CA ASN A 37 12.52 -2.66 -2.82
C ASN A 37 11.61 -2.20 -1.68
N ALA A 38 10.35 -2.56 -1.81
CA ALA A 38 9.35 -2.20 -0.81
C ALA A 38 9.69 -2.79 0.55
N LYS A 39 10.04 -4.08 0.58
CA LYS A 39 10.30 -4.76 1.84
C LYS A 39 11.57 -4.21 2.48
N LYS A 40 12.54 -3.84 1.64
CA LYS A 40 13.75 -3.20 2.12
C LYS A 40 13.42 -1.90 2.87
N GLU A 41 12.55 -1.10 2.27
CA GLU A 41 12.09 0.13 2.89
C GLU A 41 11.32 -0.18 4.18
N MET A 42 10.43 -1.16 4.10
CA MET A 42 9.56 -1.51 5.21
C MET A 42 10.33 -2.09 6.40
N VAL A 43 11.46 -2.72 6.14
CA VAL A 43 12.28 -3.22 7.25
C VAL A 43 13.14 -2.10 7.83
N LYS A 44 13.43 -1.10 7.02
CA LYS A 44 14.11 0.09 7.51
C LYS A 44 13.15 0.96 8.31
N SER A 45 11.85 0.65 8.20
CA SER A 45 10.84 1.24 9.09
C SER A 45 10.98 0.63 10.48
N LYS A 46 11.72 -0.49 10.56
CA LYS A 46 12.02 -1.18 11.80
C LYS A 46 10.77 -1.82 12.41
N LEU A 47 9.84 -2.21 11.54
CA LEU A 47 8.60 -2.86 12.00
C LEU A 47 8.65 -4.36 11.72
N PRO A 48 7.90 -5.16 12.49
CA PRO A 48 7.85 -6.61 12.32
C PRO A 48 7.18 -7.03 11.02
N ASN A 49 7.51 -8.23 10.53
CA ASN A 49 6.98 -8.71 9.26
C ASN A 49 5.47 -8.94 9.35
N THR A 50 4.96 -9.18 10.54
CA THR A 50 3.54 -9.37 10.75
C THR A 50 2.77 -8.10 10.41
N VAL A 51 3.19 -6.99 11.00
CA VAL A 51 2.56 -5.70 10.72
C VAL A 51 2.76 -5.34 9.25
N LEU A 52 3.99 -5.51 8.76
CA LEU A 52 4.31 -5.22 7.37
C LEU A 52 3.46 -6.09 6.42
N GLY A 53 3.24 -7.34 6.81
CA GLY A 53 2.47 -8.26 5.99
C GLY A 53 1.03 -7.82 5.81
N LYS A 54 0.38 -7.45 6.92
CA LYS A 54 -1.01 -6.99 6.84
C LYS A 54 -1.07 -5.68 6.06
N ILE A 55 -0.03 -4.85 6.20
CA ILE A 55 0.08 -3.61 5.43
C ILE A 55 0.03 -3.94 3.95
N TRP A 56 0.86 -4.88 3.54
CA TRP A 56 0.97 -5.28 2.15
C TRP A 56 -0.38 -5.77 1.62
N LYS A 57 -1.01 -6.68 2.36
CA LYS A 57 -2.25 -7.29 1.89
C LYS A 57 -3.39 -6.29 1.79
N LEU A 58 -3.27 -5.17 2.48
CA LEU A 58 -4.26 -4.10 2.38
C LEU A 58 -3.86 -3.07 1.32
N ALA A 59 -2.57 -2.81 1.22
CA ALA A 59 -2.05 -1.75 0.37
C ALA A 59 -1.83 -2.21 -1.06
N ASP A 60 -1.81 -3.52 -1.28
CA ASP A 60 -1.60 -4.06 -2.62
C ASP A 60 -2.89 -3.98 -3.42
N VAL A 61 -3.17 -2.79 -3.93
CA VAL A 61 -4.39 -2.48 -4.67
C VAL A 61 -4.56 -3.38 -5.91
N ASP A 62 -3.47 -3.56 -6.65
CA ASP A 62 -3.51 -4.40 -7.84
C ASP A 62 -3.64 -5.86 -7.46
N LYS A 63 -3.20 -6.16 -6.23
CA LYS A 63 -3.04 -7.53 -5.77
C LYS A 63 -2.10 -8.26 -6.72
N ASP A 64 -0.95 -7.64 -6.95
CA ASP A 64 -0.05 -8.05 -8.02
C ASP A 64 1.35 -8.33 -7.51
N GLY A 65 1.53 -8.35 -6.20
CA GLY A 65 2.84 -8.61 -5.64
C GLY A 65 3.78 -7.44 -5.75
N LEU A 66 3.28 -6.37 -6.33
CA LEU A 66 4.06 -5.16 -6.55
C LEU A 66 3.42 -4.02 -5.81
N LEU A 67 4.17 -2.95 -5.62
CA LEU A 67 3.59 -1.73 -5.12
C LEU A 67 3.71 -0.65 -6.18
N ASP A 68 2.58 -0.28 -6.74
CA ASP A 68 2.50 0.87 -7.63
C ASP A 68 2.54 2.14 -6.82
N ASP A 69 2.36 3.25 -7.49
CA ASP A 69 2.41 4.57 -6.88
C ASP A 69 1.43 4.68 -5.71
N GLU A 70 0.22 4.19 -5.93
CA GLU A 70 -0.85 4.31 -4.94
C GLU A 70 -0.72 3.22 -3.88
N GLU A 71 -0.20 2.07 -4.29
CA GLU A 71 -0.03 0.95 -3.38
C GLU A 71 1.06 1.27 -2.35
N PHE A 72 2.18 1.77 -2.84
CA PHE A 72 3.29 2.14 -1.98
C PHE A 72 2.90 3.30 -1.08
N ALA A 73 2.08 4.20 -1.61
CA ALA A 73 1.53 5.29 -0.82
C ALA A 73 0.76 4.74 0.38
N LEU A 74 -0.14 3.79 0.14
CA LEU A 74 -0.90 3.16 1.21
C LEU A 74 0.01 2.47 2.21
N ALA A 75 0.99 1.74 1.70
CA ALA A 75 1.93 1.02 2.54
C ALA A 75 2.64 1.95 3.52
N ASN A 76 3.30 2.97 2.97
CA ASN A 76 4.03 3.94 3.79
C ASN A 76 3.10 4.67 4.75
N HIS A 77 1.87 4.89 4.30
CA HIS A 77 0.89 5.57 5.12
C HIS A 77 0.58 4.75 6.37
N LEU A 78 0.27 3.46 6.20
CA LEU A 78 -0.06 2.61 7.34
C LEU A 78 1.13 2.49 8.29
N ILE A 79 2.33 2.45 7.71
CA ILE A 79 3.56 2.43 8.49
C ILE A 79 3.63 3.64 9.43
N LYS A 80 3.38 4.82 8.88
CA LYS A 80 3.48 6.04 9.67
C LYS A 80 2.29 6.18 10.62
N VAL A 81 1.17 5.53 10.28
CA VAL A 81 0.03 5.47 11.20
C VAL A 81 0.44 4.73 12.46
N LYS A 82 1.22 3.68 12.29
CA LYS A 82 1.75 2.94 13.43
C LYS A 82 2.73 3.80 14.20
N LEU A 83 3.51 4.60 13.47
CA LEU A 83 4.49 5.50 14.06
C LEU A 83 3.78 6.56 14.90
N GLU A 84 2.64 7.04 14.41
CA GLU A 84 1.84 8.03 15.13
C GLU A 84 1.25 7.42 16.39
N GLY A 85 1.39 6.10 16.54
CA GLY A 85 0.91 5.42 17.72
C GLY A 85 -0.45 4.83 17.53
N HIS A 86 -0.73 4.35 16.32
CA HIS A 86 -2.02 3.74 16.03
C HIS A 86 -1.87 2.30 15.55
N GLU A 87 -2.99 1.69 15.21
CA GLU A 87 -3.03 0.30 14.78
C GLU A 87 -3.68 0.19 13.42
N LEU A 88 -3.44 -0.92 12.73
CA LEU A 88 -4.09 -1.14 11.45
C LEU A 88 -5.20 -2.17 11.62
N PRO A 89 -6.44 -1.74 11.40
CA PRO A 89 -7.64 -2.55 11.71
C PRO A 89 -7.94 -3.62 10.67
N ALA A 90 -7.06 -3.72 9.67
CA ALA A 90 -7.19 -4.68 8.58
C ALA A 90 -8.45 -4.41 7.75
N ASP A 91 -8.96 -3.19 7.86
CA ASP A 91 -10.11 -2.77 7.07
C ASP A 91 -9.68 -1.73 6.07
N LEU A 92 -10.32 -1.72 4.93
CA LEU A 92 -10.00 -0.75 3.90
C LEU A 92 -11.25 0.01 3.48
N PRO A 93 -11.47 1.19 4.09
CA PRO A 93 -12.61 2.07 3.76
C PRO A 93 -12.54 2.57 2.33
N PRO A 94 -13.69 2.87 1.72
CA PRO A 94 -13.79 3.32 0.32
C PRO A 94 -12.91 4.55 0.01
N HIS A 95 -12.64 5.36 1.02
CA HIS A 95 -11.82 6.56 0.81
C HIS A 95 -10.37 6.33 1.25
N LEU A 96 -10.06 5.08 1.62
CA LEU A 96 -8.69 4.68 1.89
C LEU A 96 -8.14 3.90 0.71
N VAL A 97 -9.05 3.23 -0.01
CA VAL A 97 -8.67 2.50 -1.20
C VAL A 97 -8.86 3.39 -2.43
N PRO A 98 -7.85 3.43 -3.32
CA PRO A 98 -7.95 4.16 -4.58
C PRO A 98 -9.24 3.83 -5.33
N PRO A 99 -9.92 4.86 -5.85
CA PRO A 99 -11.23 4.71 -6.51
C PRO A 99 -11.16 3.89 -7.80
N SER A 100 -9.98 3.39 -8.13
CA SER A 100 -9.77 2.62 -9.33
C SER A 100 -10.21 1.16 -9.15
N LYS A 101 -10.66 0.83 -7.94
CA LYS A 101 -11.07 -0.54 -7.64
C LYS A 101 -12.59 -0.64 -7.56
N ARG A 102 -13.27 0.37 -8.05
CA ARG A 102 -14.72 0.42 -7.95
C ARG A 102 -15.38 -0.01 -9.26
N ARG A 103 -16.39 -0.84 -9.13
CA ARG A 103 -17.15 -1.29 -10.30
C ARG A 103 -18.32 -0.36 -10.57
N HIS A 104 -19.02 -0.58 -11.67
CA HIS A 104 -20.16 0.25 -12.03
C HIS A 104 -21.46 -0.50 -11.74
N GLU A 105 -22.06 -0.19 -10.61
CA GLU A 105 -23.34 -0.79 -10.26
C GLU A 105 -24.43 0.25 -10.40
N PHE B 1 -9.86 -21.28 -0.81
CA PHE B 1 -8.79 -21.83 -1.66
C PHE B 1 -7.51 -22.01 -0.85
N ASN B 2 -6.45 -22.46 -1.50
CA ASN B 2 -5.18 -22.71 -0.80
C ASN B 2 -4.43 -21.40 -0.57
N TYR B 3 -4.67 -20.81 0.61
CA TYR B 3 -4.09 -19.53 1.03
C TYR B 3 -4.10 -18.47 -0.08
N GLU B 4 -3.32 -17.41 0.13
CA GLU B 4 -3.28 -16.28 -0.79
C GLU B 4 -1.95 -15.55 -0.65
N SER B 5 -0.97 -16.25 -0.11
CA SER B 5 0.29 -15.64 0.27
C SER B 5 1.33 -15.73 -0.85
N THR B 6 1.80 -14.56 -1.27
CA THR B 6 2.90 -14.47 -2.22
C THR B 6 3.81 -13.32 -1.81
N ASP B 7 3.60 -12.85 -0.58
CA ASP B 7 4.28 -11.67 -0.07
C ASP B 7 5.62 -12.02 0.56
N PRO B 8 6.58 -11.08 0.52
CA PRO B 8 7.93 -11.27 1.04
C PRO B 8 8.00 -11.39 2.56
N PHE B 9 6.86 -11.30 3.23
CA PHE B 9 6.83 -11.32 4.69
C PHE B 9 6.50 -12.72 5.21
N THR B 10 5.50 -13.35 4.62
CA THR B 10 5.03 -14.64 5.13
C THR B 10 5.77 -15.82 4.50
N ALA B 11 6.99 -15.57 4.04
CA ALA B 11 7.78 -16.59 3.36
C ALA B 11 8.78 -17.25 4.31
N LYS B 12 8.77 -16.84 5.57
CA LYS B 12 9.68 -17.39 6.56
C LYS B 12 8.98 -17.64 7.88
N GLY A 1 -26.35 10.67 -7.09
CA GLY A 1 -27.37 10.58 -8.16
C GLY A 1 -27.19 9.34 -9.01
N PRO A 2 -28.09 9.11 -9.98
CA PRO A 2 -28.06 7.93 -10.84
C PRO A 2 -27.34 8.16 -12.17
N LEU A 3 -26.56 9.22 -12.25
CA LEU A 3 -25.89 9.57 -13.50
C LEU A 3 -24.38 9.65 -13.31
N GLY A 4 -23.98 10.31 -12.23
CA GLY A 4 -22.56 10.45 -11.96
C GLY A 4 -22.14 9.67 -10.73
N SER A 5 -20.85 9.33 -10.67
CA SER A 5 -20.29 8.62 -9.54
C SER A 5 -19.80 9.60 -8.47
N ASP A 6 -19.30 9.07 -7.36
CA ASP A 6 -18.80 9.90 -6.29
C ASP A 6 -17.29 9.98 -6.33
N ASP A 7 -16.78 11.20 -6.18
CA ASP A 7 -15.34 11.44 -6.15
C ASP A 7 -14.90 11.76 -4.73
N VAL A 8 -13.98 10.97 -4.21
CA VAL A 8 -13.52 11.15 -2.84
C VAL A 8 -12.10 11.73 -2.82
N GLU A 9 -11.82 12.55 -1.82
CA GLU A 9 -10.48 13.07 -1.62
C GLU A 9 -9.60 11.96 -1.08
N TRP A 10 -8.44 11.77 -1.68
CA TRP A 10 -7.53 10.75 -1.21
C TRP A 10 -6.81 11.24 0.04
N VAL A 11 -7.10 10.62 1.17
CA VAL A 11 -6.52 11.00 2.44
C VAL A 11 -4.99 10.88 2.39
N VAL A 12 -4.52 9.87 1.69
CA VAL A 12 -3.09 9.63 1.55
C VAL A 12 -2.49 10.61 0.54
N GLY A 13 -3.35 11.21 -0.28
CA GLY A 13 -2.90 12.10 -1.34
C GLY A 13 -2.24 13.36 -0.81
N LYS A 14 -2.43 13.64 0.48
CA LYS A 14 -1.85 14.83 1.09
C LYS A 14 -0.35 14.63 1.28
N ASP A 15 0.06 13.38 1.38
CA ASP A 15 1.46 13.05 1.64
C ASP A 15 1.90 11.99 0.64
N LYS A 16 1.34 12.05 -0.56
CA LYS A 16 1.64 11.07 -1.60
C LYS A 16 2.97 11.38 -2.29
N PRO A 17 3.24 12.65 -2.69
CA PRO A 17 4.52 13.03 -3.31
C PRO A 17 5.73 12.65 -2.46
N THR A 18 5.53 12.51 -1.16
CA THR A 18 6.60 12.08 -0.27
C THR A 18 6.93 10.60 -0.51
N TYR A 19 5.89 9.78 -0.58
CA TYR A 19 6.08 8.36 -0.83
C TYR A 19 6.44 8.15 -2.30
N ASP A 20 6.07 9.13 -3.12
CA ASP A 20 6.39 9.11 -4.55
C ASP A 20 7.88 9.41 -4.73
N GLU A 21 8.38 10.33 -3.91
CA GLU A 21 9.81 10.62 -3.82
C GLU A 21 10.57 9.33 -3.53
N ILE A 22 10.14 8.62 -2.48
CA ILE A 22 10.75 7.36 -2.11
C ILE A 22 10.59 6.32 -3.22
N PHE A 23 9.40 6.29 -3.82
CA PHE A 23 9.08 5.38 -4.92
C PHE A 23 10.10 5.45 -6.03
N TYR A 24 10.52 6.65 -6.39
CA TYR A 24 11.45 6.84 -7.50
C TYR A 24 12.89 6.64 -7.06
N THR A 25 13.17 6.78 -5.78
CA THR A 25 14.53 6.56 -5.29
C THR A 25 14.82 5.07 -5.13
N LEU A 26 13.79 4.25 -5.32
CA LEU A 26 13.92 2.80 -5.14
C LEU A 26 14.00 2.10 -6.49
N SER A 27 14.26 2.89 -7.54
CA SER A 27 14.35 2.38 -8.90
C SER A 27 13.03 1.74 -9.35
N PRO A 28 12.06 2.56 -9.73
CA PRO A 28 10.75 2.08 -10.13
C PRO A 28 10.71 1.71 -11.62
N VAL A 29 10.42 0.46 -11.92
CA VAL A 29 10.36 0.00 -13.30
C VAL A 29 8.93 0.11 -13.82
N ASN A 30 8.78 0.67 -15.02
CA ASN A 30 7.48 0.90 -15.67
C ASN A 30 6.46 1.57 -14.73
N GLY A 31 6.96 2.29 -13.73
CA GLY A 31 6.09 3.01 -12.82
C GLY A 31 5.51 2.12 -11.73
N LYS A 32 6.10 0.94 -11.54
CA LYS A 32 5.66 0.02 -10.51
C LYS A 32 6.88 -0.67 -9.87
N ILE A 33 7.02 -0.61 -8.56
CA ILE A 33 8.19 -1.21 -7.92
C ILE A 33 7.89 -2.63 -7.46
N THR A 34 8.91 -3.48 -7.52
CA THR A 34 8.79 -4.83 -7.01
C THR A 34 8.87 -4.83 -5.49
N GLY A 35 8.33 -5.89 -4.91
CA GLY A 35 8.23 -6.00 -3.46
C GLY A 35 9.56 -5.95 -2.74
N ALA A 36 10.65 -6.16 -3.47
CA ALA A 36 11.99 -6.14 -2.88
C ALA A 36 12.29 -4.76 -2.29
N ASN A 37 12.14 -3.73 -3.11
CA ASN A 37 12.45 -2.36 -2.69
C ASN A 37 11.50 -1.93 -1.58
N ALA A 38 10.23 -2.25 -1.78
CA ALA A 38 9.21 -1.92 -0.80
C ALA A 38 9.50 -2.56 0.55
N LYS A 39 9.79 -3.86 0.52
CA LYS A 39 10.05 -4.61 1.75
C LYS A 39 11.27 -4.05 2.46
N LYS A 40 12.28 -3.69 1.68
CA LYS A 40 13.50 -3.12 2.23
C LYS A 40 13.25 -1.76 2.89
N GLU A 41 12.27 -1.03 2.38
CA GLU A 41 11.86 0.21 3.02
C GLU A 41 11.12 -0.12 4.33
N MET A 42 10.28 -1.14 4.26
CA MET A 42 9.47 -1.57 5.39
C MET A 42 10.34 -2.13 6.51
N VAL A 43 11.46 -2.73 6.16
CA VAL A 43 12.40 -3.23 7.17
C VAL A 43 13.20 -2.07 7.77
N LYS A 44 13.39 -0.99 7.00
CA LYS A 44 13.98 0.23 7.58
C LYS A 44 13.05 0.81 8.63
N SER A 45 11.76 0.55 8.47
CA SER A 45 10.75 1.02 9.42
C SER A 45 10.91 0.32 10.77
N LYS A 46 11.48 -0.89 10.75
CA LYS A 46 11.74 -1.68 11.96
C LYS A 46 10.46 -2.23 12.58
N LEU A 47 9.41 -2.34 11.79
CA LEU A 47 8.19 -3.00 12.25
C LEU A 47 8.32 -4.50 12.01
N PRO A 48 7.55 -5.32 12.73
CA PRO A 48 7.62 -6.77 12.62
C PRO A 48 6.93 -7.26 11.35
N ASN A 49 7.26 -8.49 10.94
CA ASN A 49 6.70 -9.07 9.73
C ASN A 49 5.19 -9.23 9.88
N THR A 50 4.74 -9.28 11.13
CA THR A 50 3.32 -9.31 11.44
C THR A 50 2.63 -8.07 10.88
N VAL A 51 3.17 -6.91 11.23
CA VAL A 51 2.61 -5.65 10.78
C VAL A 51 2.90 -5.42 9.30
N LEU A 52 4.14 -5.74 8.90
CA LEU A 52 4.55 -5.58 7.50
C LEU A 52 3.68 -6.44 6.59
N GLY A 53 3.36 -7.64 7.06
CA GLY A 53 2.48 -8.52 6.31
C GLY A 53 1.09 -7.93 6.17
N LYS A 54 0.54 -7.47 7.29
CA LYS A 54 -0.75 -6.78 7.27
C LYS A 54 -0.75 -5.67 6.25
N ILE A 55 0.27 -4.81 6.31
CA ILE A 55 0.32 -3.60 5.51
C ILE A 55 0.38 -3.97 4.03
N TRP A 56 1.27 -4.87 3.67
CA TRP A 56 1.45 -5.25 2.29
C TRP A 56 0.16 -5.77 1.66
N LYS A 57 -0.49 -6.72 2.33
CA LYS A 57 -1.62 -7.40 1.73
C LYS A 57 -2.90 -6.59 1.82
N LEU A 58 -2.90 -5.56 2.65
CA LEU A 58 -4.03 -4.67 2.75
C LEU A 58 -3.83 -3.45 1.85
N ALA A 59 -2.58 -3.11 1.60
CA ALA A 59 -2.24 -1.95 0.76
C ALA A 59 -2.14 -2.35 -0.71
N ASP A 60 -1.52 -3.49 -0.99
CA ASP A 60 -1.44 -4.01 -2.35
C ASP A 60 -2.78 -4.64 -2.71
N VAL A 61 -3.77 -3.77 -2.91
CA VAL A 61 -5.12 -4.19 -3.21
C VAL A 61 -5.18 -4.86 -4.58
N ASP A 62 -4.20 -4.55 -5.40
CA ASP A 62 -4.10 -5.14 -6.73
C ASP A 62 -3.57 -6.56 -6.63
N LYS A 63 -2.85 -6.83 -5.54
CA LYS A 63 -2.39 -8.16 -5.17
C LYS A 63 -1.54 -8.78 -6.28
N ASP A 64 -0.57 -8.01 -6.73
CA ASP A 64 0.27 -8.41 -7.84
C ASP A 64 1.72 -8.54 -7.40
N GLY A 65 1.95 -8.47 -6.09
CA GLY A 65 3.30 -8.56 -5.55
C GLY A 65 4.15 -7.38 -5.97
N LEU A 66 3.46 -6.35 -6.41
CA LEU A 66 4.06 -5.16 -6.93
C LEU A 66 3.32 -3.94 -6.42
N LEU A 67 4.04 -2.90 -6.10
CA LEU A 67 3.42 -1.70 -5.60
C LEU A 67 3.52 -0.57 -6.60
N ASP A 68 2.38 -0.15 -7.11
CA ASP A 68 2.29 1.10 -7.84
C ASP A 68 2.50 2.25 -6.86
N ASP A 69 2.65 3.47 -7.35
CA ASP A 69 2.84 4.60 -6.46
C ASP A 69 1.62 4.78 -5.57
N GLU A 70 0.46 4.34 -6.06
CA GLU A 70 -0.77 4.37 -5.27
C GLU A 70 -0.67 3.41 -4.08
N GLU A 71 -0.32 2.16 -4.39
CA GLU A 71 -0.25 1.10 -3.39
C GLU A 71 0.91 1.35 -2.42
N PHE A 72 2.00 1.89 -2.94
CA PHE A 72 3.17 2.18 -2.13
C PHE A 72 2.89 3.34 -1.20
N ALA A 73 2.05 4.26 -1.66
CA ALA A 73 1.59 5.37 -0.84
C ALA A 73 0.77 4.85 0.33
N LEU A 74 -0.13 3.91 0.03
CA LEU A 74 -0.93 3.27 1.05
C LEU A 74 -0.03 2.59 2.08
N ALA A 75 0.95 1.84 1.59
CA ALA A 75 1.90 1.15 2.44
C ALA A 75 2.57 2.12 3.43
N ASN A 76 3.19 3.15 2.88
CA ASN A 76 3.93 4.13 3.70
C ASN A 76 3.01 4.86 4.66
N HIS A 77 1.78 5.14 4.22
CA HIS A 77 0.83 5.86 5.06
C HIS A 77 0.44 5.01 6.26
N LEU A 78 0.39 3.70 6.07
CA LEU A 78 0.06 2.77 7.14
C LEU A 78 1.25 2.58 8.09
N ILE A 79 2.44 2.69 7.55
CA ILE A 79 3.65 2.52 8.33
C ILE A 79 3.85 3.77 9.16
N LYS A 80 3.58 4.89 8.53
CA LYS A 80 3.66 6.18 9.16
C LYS A 80 2.56 6.34 10.20
N VAL A 81 1.36 5.86 9.90
CA VAL A 81 0.24 5.95 10.84
C VAL A 81 0.53 5.12 12.09
N LYS A 82 1.17 3.96 11.90
CA LYS A 82 1.62 3.15 13.02
C LYS A 82 2.73 3.86 13.78
N LEU A 83 3.66 4.46 13.03
CA LEU A 83 4.81 5.15 13.62
C LEU A 83 4.35 6.33 14.48
N GLU A 84 3.32 7.03 14.03
CA GLU A 84 2.78 8.16 14.76
C GLU A 84 2.04 7.72 16.03
N GLY A 85 1.90 6.41 16.21
CA GLY A 85 1.24 5.89 17.39
C GLY A 85 -0.24 5.67 17.18
N HIS A 86 -0.60 5.23 15.98
CA HIS A 86 -1.99 4.94 15.66
C HIS A 86 -2.13 3.47 15.30
N GLU A 87 -3.37 3.01 15.17
CA GLU A 87 -3.63 1.62 14.82
C GLU A 87 -4.33 1.51 13.48
N LEU A 88 -3.84 0.62 12.63
CA LEU A 88 -4.50 0.33 11.37
C LEU A 88 -5.39 -0.89 11.55
N PRO A 89 -6.59 -0.87 10.95
CA PRO A 89 -7.58 -1.94 11.11
C PRO A 89 -7.39 -3.09 10.13
N ALA A 90 -6.24 -3.10 9.44
CA ALA A 90 -5.94 -4.11 8.43
C ALA A 90 -7.01 -4.10 7.33
N ASP A 91 -7.60 -2.93 7.11
CA ASP A 91 -8.69 -2.78 6.17
C ASP A 91 -8.42 -1.61 5.26
N LEU A 92 -9.16 -1.56 4.17
CA LEU A 92 -9.04 -0.47 3.23
C LEU A 92 -10.40 0.19 3.03
N PRO A 93 -10.72 1.19 3.87
CA PRO A 93 -11.98 1.95 3.79
C PRO A 93 -12.26 2.54 2.42
N PRO A 94 -13.55 2.69 2.07
CA PRO A 94 -13.98 3.22 0.77
C PRO A 94 -13.34 4.55 0.40
N HIS A 95 -13.02 5.38 1.40
CA HIS A 95 -12.44 6.68 1.13
C HIS A 95 -10.91 6.63 1.17
N LEU A 96 -10.37 5.42 1.26
CA LEU A 96 -8.93 5.20 1.14
C LEU A 96 -8.61 4.48 -0.17
N VAL A 97 -9.56 3.69 -0.66
CA VAL A 97 -9.33 2.85 -1.83
C VAL A 97 -9.49 3.64 -3.13
N PRO A 98 -8.40 3.71 -3.91
CA PRO A 98 -8.39 4.40 -5.21
C PRO A 98 -9.16 3.62 -6.28
N PRO A 99 -9.27 4.17 -7.51
CA PRO A 99 -9.96 3.50 -8.62
C PRO A 99 -9.27 2.23 -9.08
N SER A 100 -8.13 1.93 -8.49
CA SER A 100 -7.34 0.76 -8.83
C SER A 100 -8.06 -0.54 -8.49
N LYS A 101 -8.92 -0.52 -7.46
CA LYS A 101 -9.57 -1.74 -7.02
C LYS A 101 -11.10 -1.65 -7.10
N ARG A 102 -11.62 -0.54 -7.59
CA ARG A 102 -13.07 -0.37 -7.69
C ARG A 102 -13.54 -0.65 -9.13
N ARG A 103 -14.71 -1.27 -9.26
CA ARG A 103 -15.26 -1.63 -10.57
C ARG A 103 -15.44 -0.39 -11.45
N HIS A 104 -15.04 -0.50 -12.70
CA HIS A 104 -15.19 0.58 -13.66
C HIS A 104 -16.32 0.26 -14.63
N GLU A 105 -17.29 1.15 -14.73
CA GLU A 105 -18.34 1.00 -15.72
C GLU A 105 -18.06 1.94 -16.89
N PHE B 1 -7.77 -11.83 3.21
CA PHE B 1 -8.19 -13.18 3.67
C PHE B 1 -7.11 -13.79 4.56
N ASN B 2 -7.29 -15.07 4.89
CA ASN B 2 -6.40 -15.77 5.82
C ASN B 2 -4.94 -15.71 5.39
N TYR B 3 -4.57 -16.49 4.38
CA TYR B 3 -3.21 -16.44 3.88
C TYR B 3 -3.16 -16.25 2.37
N GLU B 4 -2.93 -15.01 1.95
CA GLU B 4 -2.66 -14.70 0.57
C GLU B 4 -1.16 -14.49 0.43
N SER B 5 -0.42 -15.60 0.45
CA SER B 5 1.04 -15.57 0.56
C SER B 5 1.72 -15.22 -0.76
N THR B 6 1.50 -14.00 -1.22
CA THR B 6 2.28 -13.43 -2.30
C THR B 6 3.12 -12.29 -1.76
N ASP B 7 3.27 -12.28 -0.44
CA ASP B 7 4.03 -11.25 0.25
C ASP B 7 5.39 -11.78 0.69
N PRO B 8 6.42 -10.93 0.56
CA PRO B 8 7.80 -11.30 0.86
C PRO B 8 8.09 -11.45 2.36
N PHE B 9 7.08 -11.25 3.18
CA PHE B 9 7.29 -11.25 4.63
C PHE B 9 6.98 -12.62 5.22
N THR B 10 6.05 -13.34 4.61
CA THR B 10 5.63 -14.60 5.17
C THR B 10 6.57 -15.75 4.83
N ALA B 11 7.40 -16.12 5.82
CA ALA B 11 8.29 -17.29 5.75
C ALA B 11 9.52 -17.06 4.88
N LYS B 12 9.38 -16.32 3.80
CA LYS B 12 10.50 -16.08 2.89
C LYS B 12 10.92 -14.62 2.91
N GLY A 1 -20.72 15.27 -3.76
CA GLY A 1 -21.35 16.08 -2.67
C GLY A 1 -22.85 16.08 -2.79
N PRO A 2 -23.53 17.03 -2.12
CA PRO A 2 -24.99 17.17 -2.21
C PRO A 2 -25.43 17.43 -3.65
N LEU A 3 -26.13 16.45 -4.22
CA LEU A 3 -26.56 16.50 -5.62
C LEU A 3 -25.34 16.49 -6.56
N GLY A 4 -24.80 15.31 -6.81
CA GLY A 4 -23.66 15.19 -7.69
C GLY A 4 -22.98 13.85 -7.55
N SER A 5 -21.71 13.79 -7.95
CA SER A 5 -20.92 12.57 -7.89
C SER A 5 -20.48 12.28 -6.47
N ASP A 6 -20.00 11.07 -6.25
CA ASP A 6 -19.52 10.64 -4.94
C ASP A 6 -18.08 11.09 -4.73
N ASP A 7 -17.90 12.07 -3.86
CA ASP A 7 -16.57 12.58 -3.55
C ASP A 7 -15.95 11.76 -2.41
N VAL A 8 -14.69 11.39 -2.57
CA VAL A 8 -14.01 10.56 -1.58
C VAL A 8 -12.74 11.24 -1.07
N GLU A 9 -12.63 11.33 0.25
CA GLU A 9 -11.46 11.91 0.89
C GLU A 9 -10.34 10.87 1.02
N TRP A 10 -9.56 10.71 -0.03
CA TRP A 10 -8.43 9.80 -0.01
C TRP A 10 -7.27 10.48 0.69
N VAL A 11 -7.13 10.21 1.98
CA VAL A 11 -6.19 10.92 2.85
C VAL A 11 -4.73 10.73 2.42
N VAL A 12 -4.48 9.72 1.61
CA VAL A 12 -3.14 9.44 1.14
C VAL A 12 -2.69 10.46 0.11
N GLY A 13 -3.66 11.04 -0.59
CA GLY A 13 -3.37 11.96 -1.66
C GLY A 13 -3.05 13.36 -1.18
N LYS A 14 -2.89 13.51 0.13
CA LYS A 14 -2.54 14.80 0.72
C LYS A 14 -1.04 15.01 0.72
N ASP A 15 -0.29 13.91 0.73
CA ASP A 15 1.17 13.99 0.79
C ASP A 15 1.79 12.89 -0.05
N LYS A 16 1.14 12.61 -1.16
CA LYS A 16 1.52 11.49 -2.03
C LYS A 16 2.91 11.71 -2.67
N PRO A 17 3.23 12.92 -3.18
CA PRO A 17 4.55 13.20 -3.77
C PRO A 17 5.74 12.83 -2.87
N THR A 18 5.52 12.76 -1.56
CA THR A 18 6.58 12.36 -0.64
C THR A 18 6.86 10.86 -0.79
N TYR A 19 5.79 10.07 -0.79
CA TYR A 19 5.92 8.63 -0.99
C TYR A 19 6.29 8.37 -2.44
N ASP A 20 5.96 9.35 -3.28
CA ASP A 20 6.27 9.31 -4.70
C ASP A 20 7.77 9.45 -4.91
N GLU A 21 8.39 10.35 -4.13
CA GLU A 21 9.85 10.51 -4.15
C GLU A 21 10.51 9.20 -3.75
N ILE A 22 10.10 8.67 -2.59
CA ILE A 22 10.63 7.40 -2.12
C ILE A 22 10.44 6.33 -3.18
N PHE A 23 9.25 6.33 -3.79
CA PHE A 23 8.89 5.38 -4.83
C PHE A 23 9.90 5.39 -5.99
N TYR A 24 10.13 6.56 -6.56
CA TYR A 24 11.01 6.69 -7.71
C TYR A 24 12.48 6.49 -7.35
N THR A 25 12.82 6.66 -6.08
CA THR A 25 14.20 6.43 -5.64
C THR A 25 14.44 4.94 -5.36
N LEU A 26 13.42 4.14 -5.58
CA LEU A 26 13.54 2.69 -5.41
C LEU A 26 13.61 2.00 -6.76
N SER A 27 13.68 2.82 -7.82
CA SER A 27 13.76 2.34 -9.20
C SER A 27 12.47 1.62 -9.63
N PRO A 28 11.50 2.40 -10.12
CA PRO A 28 10.22 1.87 -10.57
C PRO A 28 10.29 1.34 -12.00
N VAL A 29 10.05 0.05 -12.16
CA VAL A 29 10.03 -0.56 -13.47
C VAL A 29 8.63 -0.50 -14.06
N ASN A 30 8.49 0.19 -15.18
CA ASN A 30 7.21 0.37 -15.85
C ASN A 30 6.24 1.17 -14.97
N GLY A 31 6.82 1.94 -14.05
CA GLY A 31 6.02 2.79 -13.19
C GLY A 31 5.54 2.08 -11.93
N LYS A 32 6.12 0.92 -11.65
CA LYS A 32 5.75 0.16 -10.46
C LYS A 32 6.99 -0.42 -9.80
N ILE A 33 7.03 -0.45 -8.48
CA ILE A 33 8.19 -0.99 -7.76
C ILE A 33 7.91 -2.41 -7.30
N THR A 34 8.98 -3.17 -7.16
CA THR A 34 8.89 -4.56 -6.74
C THR A 34 8.93 -4.68 -5.22
N GLY A 35 8.47 -5.81 -4.72
CA GLY A 35 8.47 -6.02 -3.28
C GLY A 35 9.86 -6.07 -2.68
N ALA A 36 10.89 -6.09 -3.53
CA ALA A 36 12.27 -6.10 -3.07
C ALA A 36 12.62 -4.78 -2.39
N ASN A 37 12.48 -3.68 -3.12
CA ASN A 37 12.78 -2.37 -2.56
C ASN A 37 11.68 -1.93 -1.61
N ALA A 38 10.46 -2.37 -1.87
CA ALA A 38 9.34 -2.07 -0.99
C ALA A 38 9.58 -2.67 0.39
N LYS A 39 9.93 -3.96 0.42
CA LYS A 39 10.22 -4.64 1.68
C LYS A 39 11.44 -4.02 2.34
N LYS A 40 12.39 -3.56 1.52
CA LYS A 40 13.58 -2.89 2.03
C LYS A 40 13.19 -1.69 2.88
N GLU A 41 12.26 -0.90 2.37
CA GLU A 41 11.74 0.25 3.11
C GLU A 41 11.09 -0.24 4.40
N MET A 42 10.19 -1.21 4.25
CA MET A 42 9.39 -1.72 5.36
C MET A 42 10.26 -2.31 6.48
N VAL A 43 11.39 -2.90 6.12
CA VAL A 43 12.29 -3.46 7.13
C VAL A 43 13.17 -2.36 7.74
N LYS A 44 13.30 -1.24 7.03
CA LYS A 44 13.99 -0.08 7.57
C LYS A 44 13.08 0.67 8.52
N SER A 45 11.77 0.49 8.33
CA SER A 45 10.78 1.05 9.25
C SER A 45 10.92 0.42 10.63
N LYS A 46 11.51 -0.79 10.66
CA LYS A 46 11.78 -1.51 11.90
C LYS A 46 10.49 -1.97 12.57
N LEU A 47 9.49 -2.29 11.76
CA LEU A 47 8.24 -2.83 12.28
C LEU A 47 8.26 -4.36 12.18
N PRO A 48 7.43 -5.05 12.99
CA PRO A 48 7.37 -6.51 12.97
C PRO A 48 6.77 -7.05 11.67
N ASN A 49 7.26 -8.21 11.25
CA ASN A 49 6.84 -8.83 9.99
C ASN A 49 5.33 -9.09 9.97
N THR A 50 4.75 -9.31 11.14
CA THR A 50 3.31 -9.51 11.26
C THR A 50 2.56 -8.29 10.72
N VAL A 51 2.94 -7.13 11.23
CA VAL A 51 2.31 -5.89 10.81
C VAL A 51 2.68 -5.58 9.36
N LEU A 52 3.95 -5.79 9.02
CA LEU A 52 4.43 -5.56 7.65
C LEU A 52 3.65 -6.39 6.64
N GLY A 53 3.47 -7.67 6.92
CA GLY A 53 2.71 -8.54 6.04
C GLY A 53 1.27 -8.09 5.94
N LYS A 54 0.71 -7.72 7.08
CA LYS A 54 -0.64 -7.18 7.14
C LYS A 54 -0.77 -5.96 6.24
N ILE A 55 0.20 -5.05 6.33
CA ILE A 55 0.20 -3.82 5.56
C ILE A 55 0.27 -4.11 4.07
N TRP A 56 1.09 -5.08 3.69
CA TRP A 56 1.23 -5.46 2.28
C TRP A 56 -0.09 -5.96 1.72
N LYS A 57 -0.71 -6.91 2.42
CA LYS A 57 -1.96 -7.51 1.95
C LYS A 57 -3.09 -6.49 1.90
N LEU A 58 -2.96 -5.40 2.64
CA LEU A 58 -3.95 -4.33 2.61
C LEU A 58 -3.67 -3.35 1.48
N ALA A 59 -2.45 -2.84 1.46
CA ALA A 59 -2.05 -1.79 0.53
C ALA A 59 -1.97 -2.30 -0.89
N ASP A 60 -1.56 -3.56 -1.05
CA ASP A 60 -1.44 -4.14 -2.39
C ASP A 60 -2.77 -4.74 -2.81
N VAL A 61 -3.55 -3.95 -3.52
CA VAL A 61 -4.90 -4.32 -3.90
C VAL A 61 -4.90 -5.33 -5.02
N ASP A 62 -3.87 -5.28 -5.86
CA ASP A 62 -3.79 -6.17 -6.99
C ASP A 62 -3.41 -7.56 -6.53
N LYS A 63 -2.73 -7.60 -5.38
CA LYS A 63 -2.13 -8.82 -4.87
C LYS A 63 -1.11 -9.32 -5.89
N ASP A 64 -0.50 -8.36 -6.58
CA ASP A 64 0.37 -8.64 -7.71
C ASP A 64 1.83 -8.71 -7.26
N GLY A 65 2.04 -8.71 -5.95
CA GLY A 65 3.39 -8.75 -5.40
C GLY A 65 4.17 -7.53 -5.79
N LEU A 66 3.44 -6.48 -6.15
CA LEU A 66 4.01 -5.27 -6.68
C LEU A 66 3.26 -4.06 -6.14
N LEU A 67 3.97 -2.98 -5.93
CA LEU A 67 3.36 -1.76 -5.41
C LEU A 67 3.44 -0.64 -6.42
N ASP A 68 2.28 -0.16 -6.84
CA ASP A 68 2.19 1.08 -7.61
C ASP A 68 2.52 2.23 -6.68
N ASP A 69 2.61 3.43 -7.24
CA ASP A 69 2.87 4.60 -6.42
C ASP A 69 1.73 4.82 -5.43
N GLU A 70 0.53 4.47 -5.85
CA GLU A 70 -0.65 4.55 -5.00
C GLU A 70 -0.55 3.53 -3.86
N GLU A 71 -0.27 2.28 -4.22
CA GLU A 71 -0.18 1.21 -3.24
C GLU A 71 0.93 1.48 -2.24
N PHE A 72 2.07 1.92 -2.76
CA PHE A 72 3.24 2.17 -1.93
C PHE A 72 3.04 3.39 -1.04
N ALA A 73 2.15 4.29 -1.46
CA ALA A 73 1.92 5.52 -0.71
C ALA A 73 1.01 5.21 0.45
N LEU A 74 0.04 4.35 0.16
CA LEU A 74 -0.85 3.84 1.18
C LEU A 74 -0.08 2.92 2.12
N ALA A 75 0.86 2.17 1.57
CA ALA A 75 1.72 1.29 2.37
C ALA A 75 2.51 2.08 3.38
N ASN A 76 3.26 3.09 2.91
CA ASN A 76 4.05 3.95 3.78
C ASN A 76 3.14 4.67 4.77
N HIS A 77 1.91 4.94 4.36
CA HIS A 77 0.96 5.63 5.21
C HIS A 77 0.54 4.74 6.38
N LEU A 78 0.37 3.44 6.12
CA LEU A 78 0.05 2.48 7.17
C LEU A 78 1.28 2.24 8.05
N ILE A 79 2.43 2.15 7.42
CA ILE A 79 3.69 1.99 8.13
C ILE A 79 3.92 3.13 9.10
N LYS A 80 3.80 4.35 8.61
CA LYS A 80 4.04 5.52 9.44
C LYS A 80 2.87 5.75 10.39
N VAL A 81 1.67 5.29 10.06
CA VAL A 81 0.53 5.45 10.97
C VAL A 81 0.79 4.61 12.23
N LYS A 82 1.44 3.47 12.05
CA LYS A 82 1.92 2.68 13.19
C LYS A 82 3.02 3.43 13.92
N LEU A 83 3.93 4.02 13.14
CA LEU A 83 5.06 4.78 13.69
C LEU A 83 4.58 5.96 14.53
N GLU A 84 3.51 6.62 14.11
CA GLU A 84 2.99 7.79 14.81
C GLU A 84 2.28 7.37 16.10
N GLY A 85 2.10 6.06 16.29
CA GLY A 85 1.50 5.57 17.51
C GLY A 85 0.03 5.21 17.34
N HIS A 86 -0.38 4.92 16.11
CA HIS A 86 -1.75 4.53 15.83
C HIS A 86 -1.84 3.04 15.57
N GLU A 87 -3.05 2.53 15.45
CA GLU A 87 -3.28 1.14 15.10
C GLU A 87 -4.17 1.07 13.86
N LEU A 88 -3.80 0.24 12.91
CA LEU A 88 -4.59 0.08 11.70
C LEU A 88 -5.64 -1.00 11.89
N PRO A 89 -6.85 -0.77 11.34
CA PRO A 89 -8.02 -1.64 11.58
C PRO A 89 -7.97 -2.97 10.83
N ALA A 90 -6.88 -3.18 10.09
CA ALA A 90 -6.71 -4.38 9.28
C ALA A 90 -7.81 -4.48 8.23
N ASP A 91 -8.41 -3.34 7.90
CA ASP A 91 -9.46 -3.28 6.91
C ASP A 91 -9.15 -2.18 5.92
N LEU A 92 -9.92 -2.10 4.85
CA LEU A 92 -9.74 -1.07 3.87
C LEU A 92 -11.04 -0.30 3.65
N PRO A 93 -11.27 0.76 4.43
CA PRO A 93 -12.43 1.64 4.27
C PRO A 93 -12.38 2.41 2.95
N PRO A 94 -13.55 2.85 2.46
CA PRO A 94 -13.68 3.54 1.16
C PRO A 94 -12.72 4.70 0.98
N HIS A 95 -12.40 5.43 2.04
CA HIS A 95 -11.55 6.61 1.91
C HIS A 95 -10.06 6.27 2.03
N LEU A 96 -9.74 4.98 1.91
CA LEU A 96 -8.35 4.54 1.95
C LEU A 96 -8.06 3.61 0.77
N VAL A 97 -9.06 2.85 0.34
CA VAL A 97 -8.88 1.88 -0.74
C VAL A 97 -8.67 2.57 -2.09
N PRO A 98 -7.58 2.21 -2.79
CA PRO A 98 -7.24 2.75 -4.11
C PRO A 98 -8.31 2.46 -5.16
N PRO A 99 -8.38 3.30 -6.21
CA PRO A 99 -9.39 3.19 -7.28
C PRO A 99 -9.27 1.91 -8.10
N SER A 100 -8.21 1.16 -7.88
CA SER A 100 -7.98 -0.08 -8.61
C SER A 100 -8.68 -1.26 -7.95
N LYS A 101 -9.40 -1.00 -6.87
CA LYS A 101 -10.10 -2.06 -6.16
C LYS A 101 -11.61 -1.80 -6.17
N ARG A 102 -12.05 -0.92 -7.06
CA ARG A 102 -13.46 -0.57 -7.16
C ARG A 102 -14.28 -1.71 -7.76
N ARG A 103 -15.55 -1.78 -7.39
CA ARG A 103 -16.45 -2.80 -7.91
C ARG A 103 -17.30 -2.22 -9.04
N HIS A 104 -17.44 -2.98 -10.11
CA HIS A 104 -18.23 -2.53 -11.26
C HIS A 104 -19.19 -3.64 -11.70
N GLU A 105 -20.36 -3.25 -12.13
CA GLU A 105 -21.29 -4.17 -12.78
C GLU A 105 -20.62 -4.77 -14.01
N PHE B 1 -6.93 -24.91 -0.25
CA PHE B 1 -7.45 -23.62 -0.79
C PHE B 1 -6.34 -22.57 -0.82
N ASN B 2 -6.70 -21.35 -1.22
CA ASN B 2 -5.72 -20.28 -1.34
C ASN B 2 -5.52 -19.58 -0.01
N TYR B 3 -4.28 -19.28 0.31
CA TYR B 3 -3.94 -18.62 1.57
C TYR B 3 -3.32 -17.26 1.32
N GLU B 4 -3.20 -16.92 0.03
CA GLU B 4 -2.77 -15.58 -0.41
C GLU B 4 -1.34 -15.25 0.02
N SER B 5 -0.53 -16.27 0.27
CA SER B 5 0.87 -16.05 0.59
C SER B 5 1.68 -15.82 -0.67
N THR B 6 1.66 -14.59 -1.15
CA THR B 6 2.42 -14.19 -2.31
C THR B 6 3.33 -13.01 -1.93
N ASP B 7 3.24 -12.64 -0.65
CA ASP B 7 3.96 -11.50 -0.11
C ASP B 7 5.31 -11.95 0.46
N PRO B 8 6.27 -11.02 0.54
CA PRO B 8 7.63 -11.29 1.01
C PRO B 8 7.71 -11.57 2.52
N PHE B 9 6.59 -11.48 3.21
CA PHE B 9 6.59 -11.59 4.66
C PHE B 9 6.11 -12.97 5.11
N THR B 10 5.35 -13.64 4.25
CA THR B 10 4.91 -14.99 4.53
C THR B 10 4.67 -15.78 3.24
N ALA B 11 5.46 -16.82 3.04
CA ALA B 11 5.34 -17.66 1.86
C ALA B 11 5.56 -19.12 2.21
N LYS B 12 4.50 -19.91 2.08
CA LYS B 12 4.57 -21.34 2.32
C LYS B 12 4.04 -22.10 1.10
N GLY A 1 -17.61 3.91 -18.72
CA GLY A 1 -17.06 4.84 -17.71
C GLY A 1 -17.82 4.79 -16.40
N PRO A 2 -17.90 5.92 -15.67
CA PRO A 2 -18.62 5.98 -14.40
C PRO A 2 -20.14 6.10 -14.62
N LEU A 3 -20.87 5.14 -14.06
CA LEU A 3 -22.33 5.11 -14.19
C LEU A 3 -22.96 6.20 -13.33
N GLY A 4 -22.84 6.06 -12.01
CA GLY A 4 -23.42 7.04 -11.11
C GLY A 4 -23.06 6.77 -9.68
N SER A 5 -21.95 7.33 -9.24
CA SER A 5 -21.48 7.16 -7.88
C SER A 5 -20.60 8.34 -7.50
N ASP A 6 -20.55 8.67 -6.21
CA ASP A 6 -19.67 9.73 -5.75
C ASP A 6 -18.24 9.22 -5.65
N ASP A 7 -17.35 9.86 -6.38
CA ASP A 7 -15.93 9.55 -6.33
C ASP A 7 -15.26 10.35 -5.24
N VAL A 8 -14.88 9.65 -4.18
CA VAL A 8 -14.27 10.28 -3.02
C VAL A 8 -12.82 10.63 -3.29
N GLU A 9 -12.42 11.81 -2.83
CA GLU A 9 -11.03 12.23 -2.94
C GLU A 9 -10.13 11.34 -2.09
N TRP A 10 -9.08 10.82 -2.71
CA TRP A 10 -8.22 9.85 -2.05
C TRP A 10 -7.39 10.54 -0.97
N VAL A 11 -7.64 10.18 0.28
CA VAL A 11 -7.03 10.83 1.43
C VAL A 11 -5.51 10.83 1.33
N VAL A 12 -4.94 9.71 0.89
CA VAL A 12 -3.50 9.56 0.85
C VAL A 12 -2.92 10.17 -0.42
N GLY A 13 -3.78 10.63 -1.31
CA GLY A 13 -3.32 11.35 -2.48
C GLY A 13 -2.81 12.71 -2.08
N LYS A 14 -3.18 13.12 -0.86
CA LYS A 14 -2.83 14.41 -0.33
C LYS A 14 -1.39 14.42 0.20
N ASP A 15 -0.94 13.27 0.68
CA ASP A 15 0.41 13.14 1.20
C ASP A 15 1.16 12.04 0.47
N LYS A 16 0.85 11.91 -0.81
CA LYS A 16 1.49 10.94 -1.67
C LYS A 16 2.88 11.42 -2.14
N PRO A 17 3.03 12.71 -2.56
CA PRO A 17 4.31 13.26 -3.04
C PRO A 17 5.54 12.80 -2.26
N THR A 18 5.43 12.71 -0.96
CA THR A 18 6.54 12.30 -0.12
C THR A 18 6.86 10.82 -0.34
N TYR A 19 5.82 10.00 -0.38
CA TYR A 19 5.99 8.58 -0.62
C TYR A 19 6.41 8.35 -2.07
N ASP A 20 6.09 9.34 -2.91
CA ASP A 20 6.42 9.30 -4.32
C ASP A 20 7.92 9.47 -4.50
N GLU A 21 8.50 10.37 -3.72
CA GLU A 21 9.94 10.54 -3.70
C GLU A 21 10.61 9.27 -3.20
N ILE A 22 10.06 8.69 -2.13
CA ILE A 22 10.55 7.43 -1.60
C ILE A 22 10.47 6.34 -2.67
N PHE A 23 9.34 6.31 -3.37
CA PHE A 23 9.10 5.37 -4.45
C PHE A 23 10.21 5.42 -5.49
N TYR A 24 10.69 6.63 -5.77
CA TYR A 24 11.71 6.82 -6.80
C TYR A 24 13.13 6.92 -6.21
N THR A 25 13.27 6.68 -4.93
CA THR A 25 14.59 6.66 -4.32
C THR A 25 14.99 5.24 -3.92
N LEU A 26 14.06 4.30 -4.12
CA LEU A 26 14.33 2.91 -3.76
C LEU A 26 14.27 2.01 -4.98
N SER A 27 14.41 2.63 -6.16
CA SER A 27 14.45 1.93 -7.44
C SER A 27 13.08 1.42 -7.87
N PRO A 28 12.33 2.25 -8.62
CA PRO A 28 11.06 1.85 -9.20
C PRO A 28 11.23 1.31 -10.61
N VAL A 29 10.73 0.11 -10.86
CA VAL A 29 10.84 -0.48 -12.18
C VAL A 29 9.64 -0.09 -13.03
N ASN A 30 9.90 0.70 -14.07
CA ASN A 30 8.87 1.21 -15.00
C ASN A 30 7.66 1.81 -14.28
N GLY A 31 7.88 2.31 -13.07
CA GLY A 31 6.82 2.97 -12.33
C GLY A 31 6.07 2.04 -11.38
N LYS A 32 6.61 0.85 -11.17
CA LYS A 32 6.04 -0.09 -10.22
C LYS A 32 7.18 -0.80 -9.49
N ILE A 33 7.17 -0.77 -8.16
CA ILE A 33 8.26 -1.37 -7.41
C ILE A 33 7.92 -2.78 -6.98
N THR A 34 8.91 -3.66 -7.03
CA THR A 34 8.74 -5.03 -6.63
C THR A 34 8.80 -5.16 -5.11
N GLY A 35 8.22 -6.25 -4.60
CA GLY A 35 8.22 -6.53 -3.18
C GLY A 35 9.61 -6.51 -2.56
N ALA A 36 10.63 -6.73 -3.37
CA ALA A 36 12.02 -6.68 -2.92
C ALA A 36 12.37 -5.31 -2.35
N ASN A 37 12.17 -4.27 -3.14
CA ASN A 37 12.54 -2.91 -2.72
C ASN A 37 11.50 -2.35 -1.78
N ALA A 38 10.26 -2.80 -1.94
CA ALA A 38 9.18 -2.41 -1.04
C ALA A 38 9.49 -2.89 0.38
N LYS A 39 9.77 -4.19 0.51
CA LYS A 39 10.12 -4.76 1.81
C LYS A 39 11.39 -4.12 2.35
N LYS A 40 12.31 -3.79 1.44
CA LYS A 40 13.53 -3.08 1.82
C LYS A 40 13.19 -1.79 2.57
N GLU A 41 12.24 -1.04 2.04
CA GLU A 41 11.80 0.19 2.68
C GLU A 41 11.07 -0.13 3.99
N MET A 42 10.25 -1.17 3.96
CA MET A 42 9.47 -1.56 5.13
C MET A 42 10.35 -2.09 6.27
N VAL A 43 11.51 -2.67 5.95
CA VAL A 43 12.44 -3.11 6.98
C VAL A 43 13.30 -1.96 7.46
N LYS A 44 13.34 -0.89 6.68
CA LYS A 44 13.93 0.36 7.16
C LYS A 44 12.97 1.05 8.13
N SER A 45 11.69 0.70 8.02
CA SER A 45 10.66 1.24 8.90
C SER A 45 10.74 0.62 10.30
N LYS A 46 11.54 -0.44 10.43
CA LYS A 46 11.78 -1.10 11.72
C LYS A 46 10.50 -1.72 12.29
N LEU A 47 9.65 -2.26 11.42
CA LEU A 47 8.42 -2.90 11.88
C LEU A 47 8.53 -4.41 11.79
N PRO A 48 7.78 -5.14 12.63
CA PRO A 48 7.76 -6.60 12.64
C PRO A 48 7.12 -7.19 11.38
N ASN A 49 7.54 -8.40 11.02
CA ASN A 49 7.06 -9.07 9.81
C ASN A 49 5.53 -9.23 9.82
N THR A 50 4.96 -9.44 11.00
CA THR A 50 3.53 -9.56 11.16
C THR A 50 2.79 -8.31 10.65
N VAL A 51 3.20 -7.15 11.16
CA VAL A 51 2.58 -5.89 10.78
C VAL A 51 2.88 -5.57 9.32
N LEU A 52 4.09 -5.86 8.89
CA LEU A 52 4.50 -5.65 7.51
C LEU A 52 3.62 -6.45 6.55
N GLY A 53 3.40 -7.72 6.88
CA GLY A 53 2.54 -8.57 6.07
C GLY A 53 1.12 -8.02 5.98
N LYS A 54 0.60 -7.54 7.12
CA LYS A 54 -0.70 -6.89 7.14
C LYS A 54 -0.73 -5.73 6.16
N ILE A 55 0.24 -4.83 6.29
CA ILE A 55 0.28 -3.62 5.48
C ILE A 55 0.41 -3.96 4.01
N TRP A 56 1.17 -5.01 3.73
CA TRP A 56 1.38 -5.45 2.36
C TRP A 56 0.07 -5.86 1.70
N LYS A 57 -0.63 -6.80 2.32
CA LYS A 57 -1.84 -7.35 1.72
C LYS A 57 -3.04 -6.43 1.87
N LEU A 58 -2.82 -5.29 2.52
CA LEU A 58 -3.81 -4.21 2.53
C LEU A 58 -3.51 -3.20 1.42
N ALA A 59 -2.24 -2.81 1.34
CA ALA A 59 -1.81 -1.79 0.40
C ALA A 59 -1.82 -2.32 -1.03
N ASP A 60 -1.48 -3.60 -1.19
CA ASP A 60 -1.45 -4.19 -2.53
C ASP A 60 -2.83 -4.71 -2.88
N VAL A 61 -3.73 -3.78 -3.11
CA VAL A 61 -5.10 -4.09 -3.50
C VAL A 61 -5.15 -4.66 -4.90
N ASP A 62 -4.04 -4.48 -5.60
CA ASP A 62 -3.91 -4.92 -6.98
C ASP A 62 -3.53 -6.39 -7.01
N LYS A 63 -3.03 -6.89 -5.88
CA LYS A 63 -2.80 -8.31 -5.65
C LYS A 63 -1.79 -8.88 -6.64
N ASP A 64 -0.80 -8.06 -6.98
CA ASP A 64 0.14 -8.40 -8.02
C ASP A 64 1.56 -8.54 -7.49
N GLY A 65 1.71 -8.50 -6.16
CA GLY A 65 3.02 -8.65 -5.55
C GLY A 65 3.92 -7.48 -5.85
N LEU A 66 3.32 -6.45 -6.41
CA LEU A 66 4.01 -5.28 -6.86
C LEU A 66 3.27 -4.05 -6.40
N LEU A 67 4.00 -3.03 -6.00
CA LEU A 67 3.38 -1.83 -5.50
C LEU A 67 3.57 -0.68 -6.49
N ASP A 68 2.48 -0.23 -7.07
CA ASP A 68 2.47 1.03 -7.81
C ASP A 68 2.63 2.18 -6.82
N ASP A 69 2.79 3.39 -7.32
CA ASP A 69 3.00 4.53 -6.44
C ASP A 69 1.79 4.74 -5.53
N GLU A 70 0.60 4.41 -6.02
CA GLU A 70 -0.61 4.51 -5.21
C GLU A 70 -0.57 3.51 -4.06
N GLU A 71 -0.30 2.24 -4.40
CA GLU A 71 -0.27 1.17 -3.41
C GLU A 71 0.82 1.42 -2.37
N PHE A 72 1.97 1.87 -2.84
CA PHE A 72 3.10 2.13 -1.98
C PHE A 72 2.85 3.35 -1.10
N ALA A 73 1.96 4.22 -1.55
CA ALA A 73 1.65 5.43 -0.81
C ALA A 73 0.74 5.06 0.34
N LEU A 74 -0.24 4.22 0.02
CA LEU A 74 -1.12 3.66 1.01
C LEU A 74 -0.31 2.87 2.04
N ALA A 75 0.70 2.14 1.56
CA ALA A 75 1.61 1.39 2.42
C ALA A 75 2.31 2.32 3.41
N ASN A 76 2.98 3.34 2.88
CA ASN A 76 3.75 4.27 3.71
C ASN A 76 2.86 5.03 4.68
N HIS A 77 1.64 5.32 4.25
CA HIS A 77 0.66 5.99 5.09
C HIS A 77 0.32 5.12 6.29
N LEU A 78 0.12 3.83 6.05
CA LEU A 78 -0.14 2.88 7.14
C LEU A 78 1.09 2.76 8.04
N ILE A 79 2.26 2.75 7.42
CA ILE A 79 3.51 2.65 8.15
C ILE A 79 3.69 3.82 9.12
N LYS A 80 3.58 5.04 8.62
CA LYS A 80 3.79 6.21 9.47
C LYS A 80 2.64 6.36 10.45
N VAL A 81 1.47 5.86 10.08
CA VAL A 81 0.34 5.78 11.01
C VAL A 81 0.74 5.00 12.26
N LYS A 82 1.35 3.83 12.04
CA LYS A 82 1.87 3.01 13.14
C LYS A 82 2.96 3.76 13.90
N LEU A 83 3.89 4.35 13.17
CA LEU A 83 5.00 5.08 13.76
C LEU A 83 4.53 6.23 14.64
N GLU A 84 3.48 6.90 14.21
CA GLU A 84 2.97 8.06 14.94
C GLU A 84 2.07 7.64 16.10
N GLY A 85 1.99 6.34 16.36
CA GLY A 85 1.27 5.86 17.52
C GLY A 85 -0.21 5.64 17.25
N HIS A 86 -0.54 5.36 16.00
CA HIS A 86 -1.92 5.07 15.63
C HIS A 86 -2.06 3.59 15.28
N GLU A 87 -2.91 2.89 16.00
CA GLU A 87 -3.09 1.47 15.77
C GLU A 87 -4.09 1.24 14.64
N LEU A 88 -3.58 0.82 13.49
CA LEU A 88 -4.42 0.49 12.34
C LEU A 88 -5.23 -0.77 12.62
N PRO A 89 -6.45 -0.86 12.07
CA PRO A 89 -7.37 -1.95 12.37
C PRO A 89 -7.12 -3.18 11.52
N ALA A 90 -6.13 -3.07 10.63
CA ALA A 90 -5.78 -4.14 9.69
C ALA A 90 -6.91 -4.38 8.68
N ASP A 91 -7.78 -3.40 8.55
CA ASP A 91 -8.82 -3.40 7.53
C ASP A 91 -8.55 -2.24 6.59
N LEU A 92 -9.19 -2.23 5.43
CA LEU A 92 -8.98 -1.15 4.48
C LEU A 92 -10.27 -0.39 4.23
N PRO A 93 -10.47 0.73 4.96
CA PRO A 93 -11.65 1.58 4.80
C PRO A 93 -11.76 2.18 3.39
N PRO A 94 -12.99 2.43 2.92
CA PRO A 94 -13.26 2.91 1.55
C PRO A 94 -12.52 4.20 1.20
N HIS A 95 -12.17 4.99 2.21
CA HIS A 95 -11.49 6.25 1.98
C HIS A 95 -9.98 6.08 1.88
N LEU A 96 -9.51 4.84 1.93
CA LEU A 96 -8.08 4.55 1.80
C LEU A 96 -7.79 3.72 0.56
N VAL A 97 -8.74 2.87 0.17
CA VAL A 97 -8.56 2.01 -0.99
C VAL A 97 -8.72 2.81 -2.28
N PRO A 98 -7.72 2.71 -3.19
CA PRO A 98 -7.75 3.37 -4.50
C PRO A 98 -9.11 3.23 -5.20
N PRO A 99 -9.59 4.34 -5.80
CA PRO A 99 -10.91 4.37 -6.46
C PRO A 99 -11.00 3.41 -7.63
N SER A 100 -9.85 2.96 -8.10
CA SER A 100 -9.77 2.06 -9.24
C SER A 100 -9.95 0.60 -8.81
N LYS A 101 -9.97 0.36 -7.50
CA LYS A 101 -10.06 -1.00 -6.98
C LYS A 101 -11.34 -1.20 -6.16
N ARG A 102 -12.23 -0.22 -6.23
CA ARG A 102 -13.50 -0.28 -5.51
C ARG A 102 -14.65 -0.43 -6.49
N ARG A 103 -15.67 -1.19 -6.09
CA ARG A 103 -16.83 -1.42 -6.95
C ARG A 103 -18.13 -1.09 -6.22
N HIS A 104 -18.99 -0.34 -6.90
CA HIS A 104 -20.33 -0.09 -6.42
C HIS A 104 -21.31 -0.32 -7.56
N GLU A 105 -22.24 -1.23 -7.35
CA GLU A 105 -23.21 -1.59 -8.37
C GLU A 105 -24.56 -1.77 -7.70
N PHE B 1 -2.21 -26.22 -5.19
CA PHE B 1 -0.85 -26.70 -4.87
C PHE B 1 0.19 -25.69 -5.36
N ASN B 2 0.63 -24.81 -4.47
CA ASN B 2 1.64 -23.83 -4.80
C ASN B 2 2.28 -23.29 -3.53
N TYR B 3 3.12 -22.27 -3.67
CA TYR B 3 3.78 -21.65 -2.53
C TYR B 3 3.62 -20.13 -2.60
N GLU B 4 3.62 -19.49 -1.44
CA GLU B 4 3.46 -18.05 -1.38
C GLU B 4 4.70 -17.33 -1.86
N SER B 5 4.52 -16.43 -2.80
CA SER B 5 5.60 -15.62 -3.31
C SER B 5 5.12 -14.18 -3.50
N THR B 6 3.90 -13.91 -3.03
CA THR B 6 3.31 -12.59 -3.16
C THR B 6 3.70 -11.71 -1.98
N ASP B 7 3.78 -12.33 -0.81
CA ASP B 7 4.12 -11.63 0.42
C ASP B 7 5.55 -11.98 0.84
N PRO B 8 6.46 -11.00 0.79
CA PRO B 8 7.88 -11.19 1.10
C PRO B 8 8.17 -11.28 2.61
N PHE B 9 7.14 -11.13 3.44
CA PHE B 9 7.31 -11.13 4.88
C PHE B 9 7.00 -12.50 5.45
N THR B 10 6.45 -13.36 4.60
CA THR B 10 6.17 -14.74 4.98
C THR B 10 7.46 -15.53 5.17
N ALA B 11 8.58 -14.90 4.83
CA ALA B 11 9.90 -15.52 4.95
C ALA B 11 10.47 -15.38 6.36
N LYS B 12 9.67 -14.79 7.25
CA LYS B 12 10.05 -14.60 8.66
C LYS B 12 11.14 -13.54 8.80
N GLY A 1 -31.28 4.73 -9.82
CA GLY A 1 -30.30 5.82 -9.57
C GLY A 1 -29.05 5.29 -8.91
N PRO A 2 -27.97 5.07 -9.68
CA PRO A 2 -26.69 4.60 -9.16
C PRO A 2 -26.00 5.65 -8.29
N LEU A 3 -26.41 6.91 -8.47
CA LEU A 3 -25.84 8.06 -7.75
C LEU A 3 -24.43 8.37 -8.25
N GLY A 4 -24.26 9.58 -8.75
CA GLY A 4 -22.97 9.99 -9.26
C GLY A 4 -22.60 11.39 -8.79
N SER A 5 -21.47 11.89 -9.30
CA SER A 5 -20.99 13.23 -8.97
C SER A 5 -20.66 13.34 -7.47
N ASP A 6 -20.02 12.30 -6.93
CA ASP A 6 -19.61 12.31 -5.54
C ASP A 6 -18.08 12.33 -5.43
N ASP A 7 -17.55 13.45 -4.94
CA ASP A 7 -16.11 13.64 -4.83
C ASP A 7 -15.52 12.75 -3.76
N VAL A 8 -14.64 11.85 -4.19
CA VAL A 8 -13.89 11.03 -3.26
C VAL A 8 -12.60 11.74 -2.86
N GLU A 9 -12.34 11.82 -1.57
CA GLU A 9 -11.16 12.49 -1.09
C GLU A 9 -10.12 11.47 -0.62
N TRP A 10 -9.06 11.32 -1.39
CA TRP A 10 -8.00 10.41 -1.02
C TRP A 10 -7.06 11.09 -0.01
N VAL A 11 -7.21 10.72 1.25
CA VAL A 11 -6.52 11.37 2.35
C VAL A 11 -5.00 11.30 2.23
N VAL A 12 -4.51 10.32 1.48
CA VAL A 12 -3.09 10.08 1.34
C VAL A 12 -2.49 11.02 0.28
N GLY A 13 -3.35 11.69 -0.47
CA GLY A 13 -2.91 12.56 -1.54
C GLY A 13 -2.11 13.76 -1.05
N LYS A 14 -2.32 14.15 0.20
CA LYS A 14 -1.63 15.30 0.77
C LYS A 14 -0.17 15.00 1.07
N ASP A 15 0.13 13.73 1.24
CA ASP A 15 1.47 13.32 1.62
C ASP A 15 1.91 12.15 0.76
N LYS A 16 1.44 12.15 -0.48
CA LYS A 16 1.81 11.12 -1.44
C LYS A 16 3.15 11.46 -2.09
N PRO A 17 3.39 12.73 -2.53
CA PRO A 17 4.67 13.14 -3.13
C PRO A 17 5.89 12.74 -2.29
N THR A 18 5.72 12.61 -0.98
CA THR A 18 6.81 12.20 -0.12
C THR A 18 7.15 10.73 -0.38
N TYR A 19 6.12 9.89 -0.42
CA TYR A 19 6.30 8.47 -0.69
C TYR A 19 6.60 8.29 -2.17
N ASP A 20 6.21 9.29 -2.95
CA ASP A 20 6.43 9.30 -4.39
C ASP A 20 7.91 9.48 -4.67
N GLU A 21 8.54 10.36 -3.92
CA GLU A 21 9.98 10.55 -4.00
C GLU A 21 10.70 9.27 -3.58
N ILE A 22 10.19 8.65 -2.52
CA ILE A 22 10.73 7.37 -2.06
C ILE A 22 10.51 6.29 -3.12
N PHE A 23 9.39 6.40 -3.82
CA PHE A 23 9.02 5.47 -4.88
C PHE A 23 10.04 5.50 -6.01
N TYR A 24 10.42 6.69 -6.46
CA TYR A 24 11.37 6.82 -7.56
C TYR A 24 12.79 6.50 -7.13
N THR A 25 13.08 6.59 -5.84
CA THR A 25 14.42 6.30 -5.36
C THR A 25 14.59 4.81 -5.10
N LEU A 26 13.55 4.03 -5.38
CA LEU A 26 13.63 2.57 -5.22
C LEU A 26 13.71 1.90 -6.58
N SER A 27 13.77 2.71 -7.63
CA SER A 27 13.81 2.24 -9.00
C SER A 27 12.51 1.55 -9.40
N PRO A 28 11.49 2.36 -9.74
CA PRO A 28 10.19 1.86 -10.12
C PRO A 28 10.09 1.56 -11.62
N VAL A 29 9.98 0.28 -11.94
CA VAL A 29 9.92 -0.14 -13.34
C VAL A 29 8.47 -0.13 -13.81
N ASN A 30 8.20 0.64 -14.87
CA ASN A 30 6.85 0.78 -15.43
C ASN A 30 5.91 1.45 -14.44
N GLY A 31 6.49 2.21 -13.52
CA GLY A 31 5.71 2.91 -12.53
C GLY A 31 5.31 2.02 -11.37
N LYS A 32 6.07 0.95 -11.15
CA LYS A 32 5.81 0.04 -10.05
C LYS A 32 7.11 -0.36 -9.37
N ILE A 33 7.08 -0.49 -8.07
CA ILE A 33 8.21 -1.06 -7.35
C ILE A 33 7.86 -2.48 -6.93
N THR A 34 8.76 -3.40 -7.18
CA THR A 34 8.55 -4.79 -6.80
C THR A 34 8.69 -4.94 -5.29
N GLY A 35 8.17 -6.03 -4.74
CA GLY A 35 8.17 -6.23 -3.30
C GLY A 35 9.55 -6.31 -2.68
N ALA A 36 10.58 -6.42 -3.49
CA ALA A 36 11.95 -6.51 -2.99
C ALA A 36 12.37 -5.20 -2.33
N ASN A 37 12.42 -4.13 -3.12
CA ASN A 37 12.80 -2.82 -2.61
C ASN A 37 11.71 -2.23 -1.73
N ALA A 38 10.46 -2.59 -2.02
CA ALA A 38 9.35 -2.17 -1.19
C ALA A 38 9.50 -2.71 0.24
N LYS A 39 9.76 -4.01 0.35
CA LYS A 39 9.97 -4.63 1.66
C LYS A 39 11.20 -4.03 2.32
N LYS A 40 12.20 -3.68 1.50
CA LYS A 40 13.42 -3.07 2.01
C LYS A 40 13.11 -1.78 2.75
N GLU A 41 12.26 -0.93 2.18
CA GLU A 41 11.86 0.31 2.85
C GLU A 41 11.05 -0.02 4.11
N MET A 42 10.24 -1.07 4.03
CA MET A 42 9.40 -1.48 5.15
C MET A 42 10.25 -2.01 6.32
N VAL A 43 11.36 -2.67 6.01
CA VAL A 43 12.24 -3.17 7.05
C VAL A 43 13.16 -2.05 7.56
N LYS A 44 13.25 -0.96 6.80
CA LYS A 44 13.93 0.23 7.29
C LYS A 44 13.06 0.90 8.33
N SER A 45 11.76 0.71 8.18
CA SER A 45 10.79 1.19 9.16
C SER A 45 10.92 0.44 10.48
N LYS A 46 11.35 -0.82 10.36
CA LYS A 46 11.67 -1.66 11.53
C LYS A 46 10.43 -2.08 12.32
N LEU A 47 9.29 -2.13 11.65
CA LEU A 47 8.08 -2.65 12.26
C LEU A 47 8.11 -4.18 12.18
N PRO A 48 7.32 -4.87 13.02
CA PRO A 48 7.25 -6.33 13.03
C PRO A 48 6.74 -6.90 11.70
N ASN A 49 7.32 -8.02 11.28
CA ASN A 49 6.95 -8.68 10.03
C ASN A 49 5.46 -8.97 9.96
N THR A 50 4.84 -9.20 11.11
CA THR A 50 3.42 -9.48 11.18
C THR A 50 2.60 -8.29 10.71
N VAL A 51 2.90 -7.12 11.28
CA VAL A 51 2.24 -5.88 10.89
C VAL A 51 2.62 -5.52 9.45
N LEU A 52 3.90 -5.68 9.12
CA LEU A 52 4.37 -5.43 7.76
C LEU A 52 3.62 -6.28 6.75
N GLY A 53 3.42 -7.55 7.09
CA GLY A 53 2.67 -8.45 6.23
C GLY A 53 1.24 -7.97 6.03
N LYS A 54 0.61 -7.55 7.12
CA LYS A 54 -0.73 -6.98 7.04
C LYS A 54 -0.75 -5.79 6.09
N ILE A 55 0.28 -4.95 6.19
CA ILE A 55 0.36 -3.73 5.40
C ILE A 55 0.47 -4.08 3.93
N TRP A 56 1.29 -5.07 3.64
CA TRP A 56 1.53 -5.53 2.29
C TRP A 56 0.25 -6.04 1.64
N LYS A 57 -0.42 -6.95 2.33
CA LYS A 57 -1.61 -7.61 1.77
C LYS A 57 -2.79 -6.65 1.67
N LEU A 58 -2.73 -5.53 2.39
CA LEU A 58 -3.78 -4.53 2.30
C LEU A 58 -3.49 -3.49 1.23
N ALA A 59 -2.25 -3.01 1.23
CA ALA A 59 -1.85 -1.94 0.32
C ALA A 59 -1.79 -2.43 -1.11
N ASP A 60 -1.55 -3.73 -1.29
CA ASP A 60 -1.47 -4.29 -2.63
C ASP A 60 -2.81 -4.89 -3.03
N VAL A 61 -3.60 -4.10 -3.73
CA VAL A 61 -4.92 -4.52 -4.17
C VAL A 61 -4.84 -5.49 -5.34
N ASP A 62 -3.68 -5.54 -5.97
CA ASP A 62 -3.49 -6.41 -7.12
C ASP A 62 -3.32 -7.84 -6.67
N LYS A 63 -2.86 -8.00 -5.43
CA LYS A 63 -2.56 -9.31 -4.87
C LYS A 63 -1.47 -9.99 -5.69
N ASP A 64 -0.53 -9.19 -6.20
CA ASP A 64 0.49 -9.70 -7.11
C ASP A 64 1.90 -9.29 -6.68
N GLY A 65 2.01 -8.71 -5.50
CA GLY A 65 3.31 -8.36 -4.96
C GLY A 65 3.96 -7.18 -5.68
N LEU A 66 3.19 -6.47 -6.49
CA LEU A 66 3.68 -5.27 -7.16
C LEU A 66 2.97 -4.05 -6.62
N LEU A 67 3.76 -3.07 -6.18
CA LEU A 67 3.19 -1.85 -5.65
C LEU A 67 3.27 -0.71 -6.65
N ASP A 68 2.10 -0.28 -7.11
CA ASP A 68 1.99 0.96 -7.87
C ASP A 68 2.23 2.13 -6.92
N ASP A 69 2.37 3.34 -7.45
CA ASP A 69 2.71 4.49 -6.62
C ASP A 69 1.60 4.75 -5.61
N GLU A 70 0.37 4.42 -5.99
CA GLU A 70 -0.78 4.57 -5.10
C GLU A 70 -0.67 3.60 -3.93
N GLU A 71 -0.35 2.35 -4.26
CA GLU A 71 -0.26 1.29 -3.27
C GLU A 71 0.89 1.56 -2.30
N PHE A 72 2.01 2.01 -2.83
CA PHE A 72 3.17 2.32 -2.00
C PHE A 72 2.86 3.48 -1.07
N ALA A 73 2.03 4.41 -1.54
CA ALA A 73 1.58 5.52 -0.73
C ALA A 73 0.76 5.00 0.45
N LEU A 74 -0.14 4.06 0.17
CA LEU A 74 -0.94 3.43 1.21
C LEU A 74 -0.04 2.67 2.19
N ALA A 75 0.96 1.98 1.65
CA ALA A 75 1.90 1.24 2.47
C ALA A 75 2.60 2.16 3.47
N ASN A 76 3.22 3.22 2.97
CA ASN A 76 3.94 4.16 3.82
C ASN A 76 2.99 4.84 4.81
N HIS A 77 1.78 5.12 4.36
CA HIS A 77 0.77 5.70 5.24
C HIS A 77 0.49 4.79 6.43
N LEU A 78 0.26 3.51 6.16
CA LEU A 78 -0.03 2.53 7.21
C LEU A 78 1.17 2.36 8.15
N ILE A 79 2.36 2.56 7.61
CA ILE A 79 3.58 2.35 8.38
C ILE A 79 3.77 3.51 9.33
N LYS A 80 3.51 4.70 8.83
CA LYS A 80 3.58 5.90 9.62
C LYS A 80 2.51 5.89 10.72
N VAL A 81 1.33 5.34 10.40
CA VAL A 81 0.26 5.19 11.38
C VAL A 81 0.72 4.29 12.53
N LYS A 82 1.20 3.10 12.19
CA LYS A 82 1.75 2.19 13.17
C LYS A 82 2.88 2.84 13.98
N LEU A 83 3.81 3.48 13.27
CA LEU A 83 5.00 4.06 13.89
C LEU A 83 4.63 5.12 14.94
N GLU A 84 3.61 5.91 14.65
CA GLU A 84 3.19 6.99 15.54
C GLU A 84 2.45 6.46 16.78
N GLY A 85 2.44 5.13 16.95
CA GLY A 85 1.84 4.56 18.14
C GLY A 85 0.37 4.22 17.94
N HIS A 86 0.01 3.78 16.75
CA HIS A 86 -1.36 3.37 16.46
C HIS A 86 -1.39 1.93 15.99
N GLU A 87 -2.54 1.51 15.49
CA GLU A 87 -2.69 0.18 14.92
C GLU A 87 -3.55 0.27 13.67
N LEU A 88 -3.30 -0.63 12.73
CA LEU A 88 -4.08 -0.67 11.51
C LEU A 88 -5.07 -1.84 11.56
N PRO A 89 -6.35 -1.55 11.27
CA PRO A 89 -7.45 -2.50 11.51
C PRO A 89 -7.48 -3.66 10.54
N ALA A 90 -6.45 -3.77 9.70
CA ALA A 90 -6.33 -4.85 8.73
C ALA A 90 -7.52 -4.87 7.78
N ASP A 91 -8.11 -3.72 7.54
CA ASP A 91 -9.23 -3.60 6.62
C ASP A 91 -8.82 -2.81 5.41
N LEU A 92 -9.70 -2.80 4.44
CA LEU A 92 -9.57 -1.90 3.32
C LEU A 92 -10.85 -1.09 3.20
N PRO A 93 -10.92 0.03 3.94
CA PRO A 93 -12.02 0.99 3.83
C PRO A 93 -12.32 1.36 2.38
N PRO A 94 -13.62 1.50 2.04
CA PRO A 94 -14.04 1.82 0.67
C PRO A 94 -13.38 3.07 0.11
N HIS A 95 -13.08 4.02 1.00
CA HIS A 95 -12.48 5.28 0.57
C HIS A 95 -10.95 5.20 0.62
N LEU A 96 -10.41 4.00 0.76
CA LEU A 96 -8.97 3.79 0.67
C LEU A 96 -8.62 2.89 -0.52
N VAL A 97 -9.63 2.55 -1.31
CA VAL A 97 -9.44 1.65 -2.45
C VAL A 97 -8.98 2.42 -3.68
N PRO A 98 -7.79 2.07 -4.20
CA PRO A 98 -7.24 2.69 -5.42
C PRO A 98 -8.12 2.42 -6.64
N PRO A 99 -8.24 3.42 -7.53
CA PRO A 99 -9.08 3.34 -8.73
C PRO A 99 -8.58 2.32 -9.76
N SER A 100 -7.38 1.81 -9.54
CA SER A 100 -6.79 0.85 -10.46
C SER A 100 -7.39 -0.55 -10.30
N LYS A 101 -8.32 -0.70 -9.35
CA LYS A 101 -8.96 -1.99 -9.14
C LYS A 101 -10.45 -1.90 -9.49
N ARG A 102 -10.84 -0.82 -10.15
CA ARG A 102 -12.24 -0.60 -10.50
C ARG A 102 -12.73 -1.55 -11.58
N ARG A 103 -13.90 -2.12 -11.35
CA ARG A 103 -14.58 -2.91 -12.37
C ARG A 103 -15.95 -2.29 -12.63
N HIS A 104 -16.29 -2.08 -13.91
CA HIS A 104 -17.57 -1.47 -14.25
C HIS A 104 -18.74 -2.33 -13.81
N GLU A 105 -19.48 -1.81 -12.84
CA GLU A 105 -20.61 -2.52 -12.26
C GLU A 105 -21.82 -1.62 -12.23
N PHE B 1 -0.34 -26.48 -7.20
CA PHE B 1 -0.30 -25.03 -6.88
C PHE B 1 -1.21 -24.75 -5.69
N ASN B 2 -0.61 -24.56 -4.54
CA ASN B 2 -1.36 -24.25 -3.33
C ASN B 2 -0.77 -23.02 -2.65
N TYR B 3 -1.58 -22.41 -1.78
CA TYR B 3 -1.27 -21.14 -1.12
C TYR B 3 -0.73 -20.08 -2.09
N GLU B 4 -0.22 -18.99 -1.54
CA GLU B 4 0.23 -17.88 -2.34
C GLU B 4 1.49 -17.27 -1.75
N SER B 5 2.43 -16.92 -2.61
CA SER B 5 3.68 -16.30 -2.17
C SER B 5 3.99 -15.05 -2.97
N THR B 6 3.30 -13.96 -2.64
CA THR B 6 3.63 -12.65 -3.18
C THR B 6 4.04 -11.73 -2.03
N ASP B 7 4.19 -12.34 -0.86
CA ASP B 7 4.46 -11.61 0.36
C ASP B 7 5.88 -11.92 0.85
N PRO B 8 6.74 -10.90 0.90
CA PRO B 8 8.16 -11.05 1.28
C PRO B 8 8.37 -11.25 2.79
N PHE B 9 7.29 -11.23 3.56
CA PHE B 9 7.39 -11.34 5.01
C PHE B 9 7.09 -12.77 5.46
N THR B 10 6.56 -13.56 4.53
CA THR B 10 6.28 -14.96 4.80
C THR B 10 7.52 -15.82 4.52
N ALA B 11 7.35 -17.13 4.51
CA ALA B 11 8.45 -18.05 4.25
C ALA B 11 8.06 -19.05 3.16
N LYS B 12 8.97 -19.27 2.21
CA LYS B 12 8.69 -20.10 1.06
C LYS B 12 9.51 -21.39 1.11
N GLY A 1 -25.16 20.52 -2.03
CA GLY A 1 -26.39 21.19 -2.46
C GLY A 1 -27.56 20.22 -2.59
N PRO A 2 -28.37 20.32 -3.65
CA PRO A 2 -29.53 19.45 -3.85
C PRO A 2 -29.18 18.12 -4.51
N LEU A 3 -27.89 17.93 -4.83
CA LEU A 3 -27.45 16.72 -5.51
C LEU A 3 -26.48 15.95 -4.62
N GLY A 4 -26.90 14.76 -4.19
CA GLY A 4 -26.06 13.94 -3.32
C GLY A 4 -25.05 13.14 -4.12
N SER A 5 -23.79 13.55 -4.08
CA SER A 5 -22.74 12.88 -4.82
C SER A 5 -21.53 12.65 -3.90
N ASP A 6 -21.17 11.39 -3.70
CA ASP A 6 -20.03 11.07 -2.84
C ASP A 6 -18.70 11.33 -3.56
N ASP A 7 -18.15 12.51 -3.36
CA ASP A 7 -16.83 12.81 -3.86
C ASP A 7 -15.80 12.39 -2.82
N VAL A 8 -15.27 11.20 -3.00
CA VAL A 8 -14.36 10.65 -2.04
C VAL A 8 -12.98 11.28 -2.14
N GLU A 9 -12.52 11.84 -1.03
CA GLU A 9 -11.21 12.46 -0.97
C GLU A 9 -10.18 11.45 -0.52
N TRP A 10 -9.17 11.23 -1.35
CA TRP A 10 -8.10 10.32 -1.02
C TRP A 10 -7.20 10.95 0.02
N VAL A 11 -7.38 10.53 1.26
CA VAL A 11 -6.71 11.16 2.41
C VAL A 11 -5.19 11.02 2.33
N VAL A 12 -4.71 10.15 1.46
CA VAL A 12 -3.29 9.92 1.29
C VAL A 12 -2.72 10.86 0.22
N GLY A 13 -3.62 11.50 -0.51
CA GLY A 13 -3.21 12.41 -1.58
C GLY A 13 -2.57 13.68 -1.06
N LYS A 14 -2.66 13.89 0.25
CA LYS A 14 -2.07 15.07 0.87
C LYS A 14 -0.56 14.91 0.98
N ASP A 15 -0.13 13.67 1.07
CA ASP A 15 1.28 13.35 1.28
C ASP A 15 1.74 12.34 0.23
N LYS A 16 1.15 12.47 -0.96
CA LYS A 16 1.45 11.58 -2.08
C LYS A 16 2.86 11.80 -2.62
N PRO A 17 3.21 13.05 -2.97
CA PRO A 17 4.52 13.36 -3.57
C PRO A 17 5.70 12.91 -2.71
N THR A 18 5.47 12.80 -1.42
CA THR A 18 6.47 12.35 -0.49
C THR A 18 6.78 10.88 -0.72
N TYR A 19 5.73 10.09 -0.86
CA TYR A 19 5.88 8.66 -1.11
C TYR A 19 6.35 8.44 -2.53
N ASP A 20 6.09 9.42 -3.38
CA ASP A 20 6.57 9.41 -4.77
C ASP A 20 8.08 9.56 -4.80
N GLU A 21 8.60 10.49 -4.01
CA GLU A 21 10.04 10.70 -3.89
C GLU A 21 10.72 9.42 -3.38
N ILE A 22 10.11 8.80 -2.38
CA ILE A 22 10.62 7.54 -1.84
C ILE A 22 10.45 6.41 -2.86
N PHE A 23 9.33 6.46 -3.58
CA PHE A 23 8.99 5.45 -4.57
C PHE A 23 10.05 5.35 -5.65
N TYR A 24 10.39 6.50 -6.23
CA TYR A 24 11.32 6.54 -7.36
C TYR A 24 12.77 6.38 -6.92
N THR A 25 13.03 6.46 -5.62
CA THR A 25 14.37 6.25 -5.12
C THR A 25 14.56 4.79 -4.71
N LEU A 26 13.53 3.97 -4.92
CA LEU A 26 13.62 2.54 -4.66
C LEU A 26 13.84 1.77 -5.96
N SER A 27 13.95 2.52 -7.06
CA SER A 27 14.09 1.95 -8.41
C SER A 27 12.79 1.27 -8.85
N PRO A 28 11.86 2.04 -9.41
CA PRO A 28 10.57 1.52 -9.87
C PRO A 28 10.63 0.99 -11.29
N VAL A 29 9.78 0.02 -11.59
CA VAL A 29 9.69 -0.57 -12.91
C VAL A 29 8.25 -0.54 -13.41
N ASN A 30 8.05 0.14 -14.54
CA ASN A 30 6.72 0.26 -15.17
C ASN A 30 5.72 0.92 -14.23
N GLY A 31 6.21 1.75 -13.33
CA GLY A 31 5.33 2.46 -12.41
C GLY A 31 5.02 1.63 -11.16
N LYS A 32 5.66 0.48 -11.06
CA LYS A 32 5.47 -0.40 -9.91
C LYS A 32 6.80 -0.68 -9.24
N ILE A 33 6.79 -0.88 -7.93
CA ILE A 33 7.97 -1.36 -7.23
C ILE A 33 7.73 -2.77 -6.71
N THR A 34 8.63 -3.67 -7.02
CA THR A 34 8.52 -5.06 -6.59
C THR A 34 8.74 -5.18 -5.10
N GLY A 35 8.29 -6.29 -4.53
CA GLY A 35 8.39 -6.52 -3.10
C GLY A 35 9.81 -6.54 -2.57
N ALA A 36 10.80 -6.50 -3.47
CA ALA A 36 12.20 -6.53 -3.06
C ALA A 36 12.59 -5.19 -2.42
N ASN A 37 12.55 -4.12 -3.20
CA ASN A 37 12.88 -2.80 -2.70
C ASN A 37 11.83 -2.32 -1.71
N ALA A 38 10.58 -2.71 -1.96
CA ALA A 38 9.49 -2.37 -1.06
C ALA A 38 9.75 -2.91 0.33
N LYS A 39 10.04 -4.21 0.42
CA LYS A 39 10.32 -4.84 1.70
C LYS A 39 11.54 -4.23 2.35
N LYS A 40 12.52 -3.87 1.52
CA LYS A 40 13.73 -3.22 2.02
C LYS A 40 13.36 -1.99 2.85
N GLU A 41 12.51 -1.13 2.30
CA GLU A 41 12.08 0.05 3.00
C GLU A 41 11.24 -0.31 4.22
N MET A 42 10.41 -1.34 4.07
CA MET A 42 9.52 -1.77 5.14
C MET A 42 10.30 -2.30 6.35
N VAL A 43 11.39 -3.00 6.09
CA VAL A 43 12.22 -3.53 7.18
C VAL A 43 13.12 -2.43 7.75
N LYS A 44 13.27 -1.36 6.99
CA LYS A 44 13.98 -0.18 7.49
C LYS A 44 13.04 0.72 8.25
N SER A 45 11.74 0.45 8.12
CA SER A 45 10.73 1.13 8.92
C SER A 45 10.69 0.55 10.33
N LYS A 46 11.49 -0.50 10.55
CA LYS A 46 11.68 -1.11 11.87
C LYS A 46 10.42 -1.80 12.38
N LEU A 47 9.52 -2.16 11.48
CA LEU A 47 8.29 -2.83 11.88
C LEU A 47 8.46 -4.35 11.79
N PRO A 48 7.69 -5.10 12.58
CA PRO A 48 7.74 -6.56 12.60
C PRO A 48 7.11 -7.17 11.35
N ASN A 49 7.45 -8.43 11.07
CA ASN A 49 6.92 -9.17 9.93
C ASN A 49 5.39 -9.18 9.95
N THR A 50 4.83 -9.23 11.15
CA THR A 50 3.39 -9.23 11.35
C THR A 50 2.75 -8.00 10.71
N VAL A 51 3.18 -6.82 11.17
CA VAL A 51 2.62 -5.57 10.70
C VAL A 51 2.92 -5.37 9.22
N LEU A 52 4.17 -5.64 8.83
CA LEU A 52 4.58 -5.48 7.43
C LEU A 52 3.76 -6.40 6.52
N GLY A 53 3.55 -7.62 6.96
CA GLY A 53 2.81 -8.59 6.18
C GLY A 53 1.38 -8.15 5.92
N LYS A 54 0.71 -7.68 6.96
CA LYS A 54 -0.68 -7.28 6.81
C LYS A 54 -0.78 -5.97 6.03
N ILE A 55 0.19 -5.07 6.22
CA ILE A 55 0.22 -3.82 5.47
C ILE A 55 0.33 -4.10 3.98
N TRP A 56 1.16 -5.09 3.63
CA TRP A 56 1.33 -5.48 2.24
C TRP A 56 0.02 -6.04 1.67
N LYS A 57 -0.59 -6.96 2.41
CA LYS A 57 -1.82 -7.62 1.98
C LYS A 57 -2.95 -6.60 1.74
N LEU A 58 -2.87 -5.45 2.39
CA LEU A 58 -3.86 -4.41 2.23
C LEU A 58 -3.46 -3.42 1.13
N ALA A 59 -2.24 -2.91 1.25
CA ALA A 59 -1.77 -1.85 0.37
C ALA A 59 -1.65 -2.30 -1.07
N ASP A 60 -1.35 -3.57 -1.28
CA ASP A 60 -1.27 -4.09 -2.64
C ASP A 60 -2.64 -4.54 -3.09
N VAL A 61 -3.33 -3.65 -3.78
CA VAL A 61 -4.73 -3.86 -4.11
C VAL A 61 -4.88 -4.74 -5.33
N ASP A 62 -3.87 -4.73 -6.20
CA ASP A 62 -3.86 -5.63 -7.34
C ASP A 62 -3.40 -7.01 -6.89
N LYS A 63 -2.89 -7.06 -5.64
CA LYS A 63 -2.25 -8.27 -5.10
C LYS A 63 -1.27 -8.85 -6.13
N ASP A 64 -0.46 -7.97 -6.71
CA ASP A 64 0.39 -8.35 -7.83
C ASP A 64 1.86 -8.39 -7.44
N GLY A 65 2.14 -8.20 -6.16
CA GLY A 65 3.49 -8.34 -5.65
C GLY A 65 4.28 -7.07 -5.84
N LEU A 66 3.67 -6.11 -6.50
CA LEU A 66 4.25 -4.82 -6.73
C LEU A 66 3.36 -3.74 -6.17
N LEU A 67 3.98 -2.72 -5.62
CA LEU A 67 3.25 -1.57 -5.17
C LEU A 67 3.36 -0.48 -6.23
N ASP A 68 2.23 -0.13 -6.82
CA ASP A 68 2.16 1.07 -7.65
C ASP A 68 2.33 2.30 -6.75
N ASP A 69 2.38 3.47 -7.36
CA ASP A 69 2.59 4.72 -6.61
C ASP A 69 1.53 4.89 -5.52
N GLU A 70 0.30 4.55 -5.85
CA GLU A 70 -0.80 4.71 -4.91
C GLU A 70 -0.75 3.63 -3.83
N GLU A 71 -0.28 2.44 -4.20
CA GLU A 71 -0.20 1.32 -3.27
C GLU A 71 0.90 1.56 -2.25
N PHE A 72 2.02 2.08 -2.72
CA PHE A 72 3.14 2.40 -1.85
C PHE A 72 2.76 3.56 -0.94
N ALA A 73 1.92 4.44 -1.46
CA ALA A 73 1.37 5.52 -0.68
C ALA A 73 0.55 4.99 0.49
N LEU A 74 -0.31 4.02 0.21
CA LEU A 74 -1.11 3.37 1.25
C LEU A 74 -0.20 2.68 2.26
N ALA A 75 0.83 2.00 1.76
CA ALA A 75 1.79 1.32 2.62
C ALA A 75 2.44 2.30 3.59
N ASN A 76 3.06 3.34 3.04
CA ASN A 76 3.75 4.35 3.85
C ASN A 76 2.79 5.05 4.79
N HIS A 77 1.56 5.24 4.33
CA HIS A 77 0.54 5.86 5.17
C HIS A 77 0.22 4.98 6.37
N LEU A 78 0.03 3.69 6.12
CA LEU A 78 -0.22 2.73 7.19
C LEU A 78 0.96 2.70 8.17
N ILE A 79 2.16 2.76 7.61
CA ILE A 79 3.38 2.75 8.39
C ILE A 79 3.44 3.97 9.32
N LYS A 80 3.30 5.17 8.77
CA LYS A 80 3.43 6.36 9.58
C LYS A 80 2.27 6.47 10.59
N VAL A 81 1.08 6.02 10.22
CA VAL A 81 -0.05 5.99 11.14
C VAL A 81 0.29 5.15 12.37
N LYS A 82 0.78 3.94 12.14
CA LYS A 82 1.30 3.09 13.20
C LYS A 82 2.37 3.83 14.02
N LEU A 83 3.33 4.43 13.32
CA LEU A 83 4.44 5.14 13.97
C LEU A 83 3.99 6.38 14.72
N GLU A 84 2.81 6.90 14.39
CA GLU A 84 2.26 8.04 15.09
C GLU A 84 1.68 7.62 16.44
N GLY A 85 1.66 6.31 16.67
CA GLY A 85 1.07 5.79 17.88
C GLY A 85 -0.39 5.43 17.66
N HIS A 86 -0.73 5.10 16.43
CA HIS A 86 -2.09 4.72 16.10
C HIS A 86 -2.14 3.25 15.70
N GLU A 87 -3.31 2.79 15.32
CA GLU A 87 -3.47 1.46 14.77
C GLU A 87 -4.12 1.57 13.40
N LEU A 88 -3.70 0.73 12.48
CA LEU A 88 -4.24 0.76 11.14
C LEU A 88 -5.52 -0.06 11.06
N PRO A 89 -6.52 0.43 10.29
CA PRO A 89 -7.88 -0.15 10.26
C PRO A 89 -7.93 -1.61 9.85
N ALA A 90 -6.85 -2.08 9.26
CA ALA A 90 -6.74 -3.47 8.77
C ALA A 90 -7.79 -3.74 7.69
N ASP A 91 -8.33 -2.67 7.12
CA ASP A 91 -9.27 -2.76 6.02
C ASP A 91 -8.91 -1.73 4.96
N LEU A 92 -9.59 -1.78 3.84
CA LEU A 92 -9.41 -0.79 2.80
C LEU A 92 -10.75 -0.12 2.49
N PRO A 93 -11.01 1.04 3.12
CA PRO A 93 -12.24 1.80 2.90
C PRO A 93 -12.51 2.11 1.43
N PRO A 94 -13.79 2.17 1.03
CA PRO A 94 -14.18 2.45 -0.37
C PRO A 94 -13.65 3.79 -0.87
N HIS A 95 -13.40 4.71 0.05
CA HIS A 95 -12.88 6.03 -0.32
C HIS A 95 -11.36 5.99 -0.43
N LEU A 96 -10.77 4.82 -0.26
CA LEU A 96 -9.33 4.65 -0.38
C LEU A 96 -8.98 3.67 -1.50
N VAL A 97 -9.86 2.72 -1.79
CA VAL A 97 -9.61 1.79 -2.88
C VAL A 97 -9.62 2.51 -4.22
N PRO A 98 -8.61 2.24 -5.05
CA PRO A 98 -8.46 2.85 -6.38
C PRO A 98 -9.62 2.49 -7.32
N PRO A 99 -9.83 3.29 -8.38
CA PRO A 99 -10.89 3.06 -9.38
C PRO A 99 -10.81 1.66 -10.00
N SER A 100 -9.61 1.08 -10.01
CA SER A 100 -9.40 -0.25 -10.57
C SER A 100 -10.01 -1.33 -9.67
N LYS A 101 -10.48 -0.95 -8.49
CA LYS A 101 -11.03 -1.90 -7.53
C LYS A 101 -12.54 -1.71 -7.36
N ARG A 102 -13.13 -0.83 -8.15
CA ARG A 102 -14.58 -0.62 -8.10
C ARG A 102 -15.35 -1.90 -8.36
N ARG A 103 -16.06 -2.37 -7.34
CA ARG A 103 -16.93 -3.52 -7.45
C ARG A 103 -18.35 -3.09 -7.12
N HIS A 104 -19.33 -3.91 -7.46
CA HIS A 104 -20.70 -3.58 -7.13
C HIS A 104 -21.27 -4.63 -6.18
N GLU A 105 -21.59 -4.20 -4.98
CA GLU A 105 -22.05 -5.10 -3.94
C GLU A 105 -23.52 -5.48 -4.15
N PHE B 1 -12.25 -19.38 1.26
CA PHE B 1 -12.23 -17.91 1.43
C PHE B 1 -10.85 -17.34 1.10
N ASN B 2 -9.93 -17.40 2.07
CA ASN B 2 -8.59 -16.84 1.87
C ASN B 2 -7.65 -17.87 1.26
N TYR B 3 -6.69 -17.39 0.48
CA TYR B 3 -5.73 -18.26 -0.19
C TYR B 3 -4.31 -17.77 0.05
N GLU B 4 -3.34 -18.41 -0.60
CA GLU B 4 -1.93 -18.09 -0.41
C GLU B 4 -1.57 -16.72 -0.95
N SER B 5 -0.91 -15.92 -0.12
CA SER B 5 -0.47 -14.59 -0.51
C SER B 5 0.98 -14.65 -1.00
N THR B 6 1.35 -13.72 -1.87
CA THR B 6 2.67 -13.73 -2.46
C THR B 6 3.58 -12.67 -1.85
N ASP B 7 3.32 -12.32 -0.59
CA ASP B 7 4.12 -11.30 0.08
C ASP B 7 5.39 -11.90 0.67
N PRO B 8 6.48 -11.12 0.67
CA PRO B 8 7.80 -11.57 1.10
C PRO B 8 7.90 -11.82 2.61
N PHE B 9 6.80 -11.61 3.32
CA PHE B 9 6.79 -11.75 4.77
C PHE B 9 6.26 -13.13 5.17
N THR B 10 5.17 -13.52 4.54
CA THR B 10 4.55 -14.80 4.82
C THR B 10 4.55 -15.68 3.57
N ALA B 11 5.56 -16.53 3.46
CA ALA B 11 5.76 -17.35 2.28
C ALA B 11 4.79 -18.52 2.22
N LYS B 12 4.40 -19.02 3.39
CA LYS B 12 3.53 -20.19 3.49
C LYS B 12 4.23 -21.41 2.88
N GLY A 1 -23.53 0.00 -3.36
CA GLY A 1 -24.30 -0.04 -4.63
C GLY A 1 -23.43 -0.39 -5.82
N PRO A 2 -24.01 -0.94 -6.89
CA PRO A 2 -23.27 -1.31 -8.10
C PRO A 2 -22.85 -0.09 -8.93
N LEU A 3 -23.57 1.01 -8.76
CA LEU A 3 -23.31 2.22 -9.51
C LEU A 3 -22.39 3.15 -8.75
N GLY A 4 -21.38 2.57 -8.09
CA GLY A 4 -20.37 3.36 -7.43
C GLY A 4 -19.33 3.88 -8.41
N SER A 5 -19.76 4.76 -9.31
CA SER A 5 -18.89 5.26 -10.35
C SER A 5 -18.16 6.52 -9.91
N ASP A 6 -18.53 7.03 -8.73
CA ASP A 6 -17.91 8.24 -8.20
C ASP A 6 -16.52 7.90 -7.65
N ASP A 7 -15.55 8.72 -7.97
CA ASP A 7 -14.18 8.48 -7.56
C ASP A 7 -13.96 9.01 -6.14
N VAL A 8 -13.14 8.31 -5.37
CA VAL A 8 -12.94 8.66 -3.97
C VAL A 8 -11.54 9.24 -3.73
N GLU A 9 -11.49 10.31 -2.95
CA GLU A 9 -10.22 10.95 -2.65
C GLU A 9 -9.53 10.29 -1.47
N TRP A 10 -8.22 10.31 -1.49
CA TRP A 10 -7.41 9.65 -0.49
C TRP A 10 -7.03 10.59 0.65
N VAL A 11 -7.06 10.06 1.86
CA VAL A 11 -6.48 10.76 3.01
C VAL A 11 -4.97 10.62 2.98
N VAL A 12 -4.50 9.80 2.05
CA VAL A 12 -3.09 9.57 1.83
C VAL A 12 -2.58 10.47 0.70
N GLY A 13 -3.53 11.07 -0.03
CA GLY A 13 -3.19 11.83 -1.21
C GLY A 13 -2.35 13.06 -0.91
N LYS A 14 -2.45 13.56 0.31
CA LYS A 14 -1.68 14.73 0.71
C LYS A 14 -0.23 14.38 0.92
N ASP A 15 0.02 13.12 1.26
CA ASP A 15 1.37 12.65 1.48
C ASP A 15 1.80 11.76 0.32
N LYS A 16 1.30 12.07 -0.87
CA LYS A 16 1.58 11.24 -2.03
C LYS A 16 2.98 11.48 -2.57
N PRO A 17 3.34 12.74 -2.91
CA PRO A 17 4.63 13.01 -3.56
C PRO A 17 5.81 12.75 -2.64
N THR A 18 5.55 12.61 -1.35
CA THR A 18 6.59 12.25 -0.41
C THR A 18 7.00 10.80 -0.64
N TYR A 19 5.99 9.93 -0.77
CA TYR A 19 6.24 8.53 -1.02
C TYR A 19 6.52 8.30 -2.49
N ASP A 20 6.09 9.25 -3.32
CA ASP A 20 6.41 9.24 -4.74
C ASP A 20 7.91 9.45 -4.93
N GLU A 21 8.46 10.40 -4.17
CA GLU A 21 9.88 10.66 -4.16
C GLU A 21 10.64 9.42 -3.71
N ILE A 22 10.22 8.85 -2.57
CA ILE A 22 10.82 7.63 -2.05
C ILE A 22 10.68 6.49 -3.06
N PHE A 23 9.54 6.45 -3.71
CA PHE A 23 9.22 5.43 -4.71
C PHE A 23 10.26 5.42 -5.82
N TYR A 24 10.58 6.59 -6.34
CA TYR A 24 11.53 6.70 -7.46
C TYR A 24 12.97 6.52 -7.00
N THR A 25 13.24 6.74 -5.73
CA THR A 25 14.59 6.50 -5.21
C THR A 25 14.82 5.01 -4.95
N LEU A 26 13.77 4.21 -5.08
CA LEU A 26 13.86 2.77 -4.85
C LEU A 26 13.95 2.00 -6.16
N SER A 27 13.95 2.74 -7.27
CA SER A 27 14.02 2.15 -8.62
C SER A 27 12.73 1.42 -8.96
N PRO A 28 11.76 2.15 -9.53
CA PRO A 28 10.49 1.58 -9.96
C PRO A 28 10.56 1.00 -11.36
N VAL A 29 9.99 -0.17 -11.56
CA VAL A 29 9.96 -0.82 -12.85
C VAL A 29 8.55 -0.77 -13.45
N ASN A 30 8.42 -0.07 -14.56
CA ASN A 30 7.13 0.11 -15.25
C ASN A 30 6.08 0.75 -14.34
N GLY A 31 6.54 1.55 -13.38
CA GLY A 31 5.61 2.27 -12.51
C GLY A 31 5.31 1.54 -11.22
N LYS A 32 5.87 0.34 -11.06
CA LYS A 32 5.67 -0.42 -9.83
C LYS A 32 7.01 -0.85 -9.26
N ILE A 33 7.13 -0.84 -7.95
CA ILE A 33 8.30 -1.41 -7.31
C ILE A 33 7.95 -2.80 -6.80
N THR A 34 8.87 -3.73 -6.99
CA THR A 34 8.66 -5.09 -6.52
C THR A 34 8.73 -5.17 -5.00
N GLY A 35 8.25 -6.27 -4.46
CA GLY A 35 8.22 -6.46 -3.02
C GLY A 35 9.59 -6.30 -2.38
N ALA A 36 10.64 -6.54 -3.15
CA ALA A 36 11.99 -6.42 -2.64
C ALA A 36 12.30 -4.99 -2.21
N ASN A 37 11.89 -4.03 -3.02
CA ASN A 37 12.17 -2.62 -2.75
C ASN A 37 11.25 -2.11 -1.66
N ALA A 38 9.99 -2.49 -1.77
CA ALA A 38 9.00 -2.13 -0.77
C ALA A 38 9.40 -2.66 0.59
N LYS A 39 9.91 -3.89 0.62
CA LYS A 39 10.34 -4.53 1.85
C LYS A 39 11.60 -3.86 2.37
N LYS A 40 12.48 -3.44 1.46
CA LYS A 40 13.67 -2.67 1.86
C LYS A 40 13.27 -1.46 2.68
N GLU A 41 12.26 -0.74 2.19
CA GLU A 41 11.72 0.42 2.89
C GLU A 41 11.15 0.00 4.24
N MET A 42 10.27 -1.00 4.23
CA MET A 42 9.61 -1.47 5.43
C MET A 42 10.60 -1.89 6.52
N VAL A 43 11.65 -2.57 6.10
CA VAL A 43 12.67 -3.05 7.01
C VAL A 43 13.48 -1.87 7.57
N LYS A 44 13.63 -0.81 6.79
CA LYS A 44 14.26 0.41 7.30
C LYS A 44 13.34 1.12 8.29
N SER A 45 12.04 0.92 8.11
CA SER A 45 11.05 1.48 9.02
C SER A 45 11.01 0.71 10.34
N LYS A 46 11.62 -0.48 10.34
CA LYS A 46 11.86 -1.26 11.56
C LYS A 46 10.58 -1.91 12.10
N LEU A 47 9.59 -2.12 11.25
CA LEU A 47 8.37 -2.80 11.68
C LEU A 47 8.53 -4.32 11.53
N PRO A 48 7.72 -5.09 12.26
CA PRO A 48 7.79 -6.56 12.25
C PRO A 48 7.15 -7.18 10.99
N ASN A 49 7.57 -8.40 10.68
CA ASN A 49 7.07 -9.15 9.52
C ASN A 49 5.55 -9.24 9.52
N THR A 50 4.98 -9.51 10.69
CA THR A 50 3.54 -9.64 10.85
C THR A 50 2.80 -8.41 10.37
N VAL A 51 3.15 -7.26 10.94
CA VAL A 51 2.49 -6.01 10.61
C VAL A 51 2.69 -5.65 9.14
N LEU A 52 3.91 -5.79 8.65
CA LEU A 52 4.19 -5.49 7.25
C LEU A 52 3.43 -6.45 6.34
N GLY A 53 3.25 -7.67 6.81
CA GLY A 53 2.52 -8.67 6.04
C GLY A 53 1.08 -8.29 5.81
N LYS A 54 0.39 -7.88 6.87
CA LYS A 54 -1.01 -7.48 6.75
C LYS A 54 -1.12 -6.11 6.08
N ILE A 55 -0.15 -5.23 6.32
CA ILE A 55 -0.11 -3.94 5.64
C ILE A 55 0.01 -4.16 4.14
N TRP A 56 0.85 -5.12 3.74
CA TRP A 56 1.00 -5.48 2.34
C TRP A 56 -0.32 -5.96 1.76
N LYS A 57 -0.98 -6.87 2.46
CA LYS A 57 -2.21 -7.47 1.96
C LYS A 57 -3.35 -6.47 1.90
N LEU A 58 -3.18 -5.32 2.55
CA LEU A 58 -4.16 -4.24 2.46
C LEU A 58 -3.80 -3.26 1.37
N ALA A 59 -2.55 -2.80 1.39
CA ALA A 59 -2.07 -1.79 0.47
C ALA A 59 -1.96 -2.32 -0.94
N ASP A 60 -1.61 -3.60 -1.07
CA ASP A 60 -1.50 -4.21 -2.39
C ASP A 60 -2.88 -4.68 -2.84
N VAL A 61 -3.60 -3.75 -3.44
CA VAL A 61 -4.97 -3.99 -3.86
C VAL A 61 -5.06 -4.98 -5.01
N ASP A 62 -4.04 -5.01 -5.85
CA ASP A 62 -4.03 -5.92 -6.98
C ASP A 62 -3.81 -7.34 -6.52
N LYS A 63 -3.19 -7.46 -5.36
CA LYS A 63 -2.66 -8.74 -4.89
C LYS A 63 -1.67 -9.25 -5.93
N ASP A 64 -0.87 -8.32 -6.46
CA ASP A 64 0.00 -8.60 -7.58
C ASP A 64 1.46 -8.65 -7.16
N GLY A 65 1.70 -8.62 -5.85
CA GLY A 65 3.05 -8.70 -5.33
C GLY A 65 3.88 -7.50 -5.75
N LEU A 66 3.19 -6.43 -6.08
CA LEU A 66 3.83 -5.23 -6.59
C LEU A 66 3.14 -4.01 -6.02
N LEU A 67 3.91 -2.98 -5.73
CA LEU A 67 3.37 -1.74 -5.24
C LEU A 67 3.73 -0.60 -6.17
N ASP A 68 2.73 -0.01 -6.81
CA ASP A 68 2.95 1.24 -7.55
C ASP A 68 2.98 2.39 -6.57
N ASP A 69 3.12 3.61 -7.07
CA ASP A 69 3.25 4.78 -6.21
C ASP A 69 2.02 4.93 -5.30
N GLU A 70 0.87 4.51 -5.79
CA GLU A 70 -0.36 4.57 -5.01
C GLU A 70 -0.33 3.54 -3.89
N GLU A 71 -0.16 2.27 -4.26
CA GLU A 71 -0.14 1.18 -3.28
C GLU A 71 0.95 1.42 -2.24
N PHE A 72 2.09 1.91 -2.71
CA PHE A 72 3.25 2.16 -1.85
C PHE A 72 2.99 3.33 -0.91
N ALA A 73 2.16 4.27 -1.34
CA ALA A 73 1.88 5.46 -0.54
C ALA A 73 0.90 5.11 0.54
N LEU A 74 -0.09 4.33 0.16
CA LEU A 74 -1.06 3.80 1.09
C LEU A 74 -0.37 2.90 2.12
N ALA A 75 0.56 2.08 1.64
CA ALA A 75 1.37 1.23 2.53
C ALA A 75 2.12 2.08 3.53
N ASN A 76 2.85 3.08 3.04
CA ASN A 76 3.63 3.96 3.89
C ASN A 76 2.76 4.73 4.87
N HIS A 77 1.50 4.95 4.49
CA HIS A 77 0.56 5.60 5.38
C HIS A 77 0.26 4.71 6.57
N LEU A 78 -0.01 3.43 6.31
CA LEU A 78 -0.24 2.46 7.38
C LEU A 78 1.02 2.32 8.24
N ILE A 79 2.17 2.27 7.57
CA ILE A 79 3.45 2.13 8.26
C ILE A 79 3.71 3.30 9.19
N LYS A 80 3.57 4.54 8.70
CA LYS A 80 3.85 5.70 9.53
C LYS A 80 2.73 5.90 10.54
N VAL A 81 1.56 5.33 10.27
CA VAL A 81 0.48 5.29 11.25
C VAL A 81 0.95 4.56 12.50
N LYS A 82 1.59 3.41 12.30
CA LYS A 82 2.17 2.66 13.43
C LYS A 82 3.41 3.36 13.96
N LEU A 83 4.15 4.03 13.08
CA LEU A 83 5.38 4.71 13.46
C LEU A 83 5.10 5.88 14.41
N GLU A 84 4.04 6.63 14.12
CA GLU A 84 3.64 7.77 14.98
C GLU A 84 3.10 7.26 16.31
N GLY A 85 2.56 6.05 16.30
CA GLY A 85 2.00 5.47 17.50
C GLY A 85 0.49 5.44 17.48
N HIS A 86 -0.09 5.23 16.30
CA HIS A 86 -1.53 5.08 16.18
C HIS A 86 -1.88 3.63 15.89
N GLU A 87 -3.17 3.33 15.80
CA GLU A 87 -3.62 1.97 15.56
C GLU A 87 -4.05 1.76 14.11
N LEU A 88 -3.88 0.54 13.62
CA LEU A 88 -4.47 0.13 12.37
C LEU A 88 -5.30 -1.13 12.60
N PRO A 89 -6.54 -1.14 12.12
CA PRO A 89 -7.50 -2.22 12.40
C PRO A 89 -7.23 -3.49 11.61
N ALA A 90 -6.38 -3.37 10.60
CA ALA A 90 -6.13 -4.45 9.65
C ALA A 90 -7.37 -4.72 8.79
N ASP A 91 -8.26 -3.74 8.77
CA ASP A 91 -9.44 -3.77 7.92
C ASP A 91 -9.24 -2.80 6.76
N LEU A 92 -10.13 -2.86 5.79
CA LEU A 92 -10.03 -1.94 4.65
C LEU A 92 -11.31 -1.13 4.50
N PRO A 93 -11.32 0.10 5.04
CA PRO A 93 -12.47 1.00 4.91
C PRO A 93 -12.56 1.62 3.52
N PRO A 94 -13.78 1.99 3.10
CA PRO A 94 -14.05 2.50 1.75
C PRO A 94 -13.15 3.65 1.31
N HIS A 95 -12.84 4.57 2.23
CA HIS A 95 -12.07 5.76 1.88
C HIS A 95 -10.57 5.46 1.83
N LEU A 96 -10.22 4.17 1.82
CA LEU A 96 -8.85 3.75 1.64
C LEU A 96 -8.73 2.83 0.44
N VAL A 97 -9.83 2.67 -0.28
CA VAL A 97 -9.86 1.81 -1.46
C VAL A 97 -9.64 2.65 -2.72
N PRO A 98 -8.45 2.54 -3.33
CA PRO A 98 -8.08 3.32 -4.51
C PRO A 98 -8.87 2.93 -5.76
N PRO A 99 -8.90 3.81 -6.77
CA PRO A 99 -9.61 3.57 -8.03
C PRO A 99 -9.04 2.39 -8.84
N SER A 100 -8.04 1.72 -8.28
CA SER A 100 -7.46 0.54 -8.91
C SER A 100 -8.43 -0.65 -8.78
N LYS A 101 -9.25 -0.63 -7.73
CA LYS A 101 -10.13 -1.76 -7.44
C LYS A 101 -11.51 -1.61 -8.08
N ARG A 102 -11.69 -0.62 -8.92
CA ARG A 102 -12.96 -0.43 -9.60
C ARG A 102 -12.90 -0.97 -11.01
N ARG A 103 -13.80 -1.89 -11.32
CA ARG A 103 -13.90 -2.47 -12.64
C ARG A 103 -15.33 -2.31 -13.16
N HIS A 104 -15.48 -1.55 -14.23
CA HIS A 104 -16.79 -1.27 -14.78
C HIS A 104 -16.81 -1.44 -16.29
N GLU A 105 -17.90 -1.99 -16.78
CA GLU A 105 -18.07 -2.29 -18.19
C GLU A 105 -18.28 -1.02 -19.01
N PHE B 1 -4.76 -24.35 -2.59
CA PHE B 1 -3.85 -23.65 -3.53
C PHE B 1 -2.51 -24.38 -3.60
N ASN B 2 -1.76 -24.12 -4.65
CA ASN B 2 -0.48 -24.81 -4.86
C ASN B 2 0.53 -24.47 -3.78
N TYR B 3 0.56 -23.21 -3.39
CA TYR B 3 1.46 -22.75 -2.33
C TYR B 3 0.92 -21.48 -1.70
N GLU B 4 1.24 -21.27 -0.43
CA GLU B 4 0.77 -20.09 0.29
C GLU B 4 1.93 -19.15 0.58
N SER B 5 2.37 -18.44 -0.44
CA SER B 5 3.47 -17.50 -0.30
C SER B 5 3.37 -16.44 -1.41
N THR B 6 2.73 -15.32 -1.13
CA THR B 6 2.54 -14.28 -2.13
C THR B 6 3.19 -12.95 -1.72
N ASP B 7 3.74 -12.91 -0.51
CA ASP B 7 4.36 -11.68 -0.02
C ASP B 7 5.72 -11.99 0.60
N PRO B 8 6.63 -11.01 0.59
CA PRO B 8 8.01 -11.19 1.05
C PRO B 8 8.15 -11.31 2.57
N PHE B 9 7.04 -11.21 3.30
CA PHE B 9 7.10 -11.21 4.76
C PHE B 9 6.74 -12.58 5.30
N THR B 10 6.06 -13.37 4.48
CA THR B 10 5.73 -14.74 4.84
C THR B 10 6.90 -15.67 4.54
N ALA B 11 7.96 -15.10 3.97
CA ALA B 11 9.16 -15.85 3.65
C ALA B 11 10.41 -15.05 4.01
N LYS B 12 10.86 -15.23 5.24
CA LYS B 12 12.10 -14.61 5.74
C LYS B 12 12.01 -13.09 5.71
N GLY A 1 -25.76 5.67 -17.88
CA GLY A 1 -24.51 6.42 -18.20
C GLY A 1 -23.83 6.90 -16.94
N PRO A 2 -22.53 7.20 -17.00
CA PRO A 2 -21.76 7.65 -15.83
C PRO A 2 -22.40 8.85 -15.14
N LEU A 3 -22.36 10.00 -15.81
CA LEU A 3 -22.97 11.24 -15.32
C LEU A 3 -22.29 11.74 -14.04
N GLY A 4 -22.61 11.11 -12.91
CA GLY A 4 -22.09 11.55 -11.63
C GLY A 4 -20.64 11.16 -11.42
N SER A 5 -19.74 11.93 -12.01
CA SER A 5 -18.33 11.72 -11.81
C SER A 5 -17.83 12.63 -10.70
N ASP A 6 -18.26 12.33 -9.47
CA ASP A 6 -17.91 13.17 -8.33
C ASP A 6 -16.47 12.92 -7.88
N ASP A 7 -15.77 14.01 -7.65
CA ASP A 7 -14.38 13.94 -7.21
C ASP A 7 -14.29 13.43 -5.78
N VAL A 8 -13.78 12.22 -5.61
CA VAL A 8 -13.49 11.70 -4.29
C VAL A 8 -11.97 11.73 -4.06
N GLU A 9 -11.55 12.52 -3.09
CA GLU A 9 -10.14 12.73 -2.85
C GLU A 9 -9.58 11.62 -1.98
N TRP A 10 -8.45 11.08 -2.41
CA TRP A 10 -7.79 10.00 -1.70
C TRP A 10 -7.05 10.55 -0.49
N VAL A 11 -7.39 10.02 0.69
CA VAL A 11 -6.83 10.49 1.95
C VAL A 11 -5.30 10.44 1.95
N VAL A 12 -4.76 9.43 1.30
CA VAL A 12 -3.31 9.24 1.27
C VAL A 12 -2.63 10.30 0.39
N GLY A 13 -3.40 10.91 -0.50
CA GLY A 13 -2.85 11.89 -1.42
C GLY A 13 -2.43 13.18 -0.73
N LYS A 14 -2.71 13.27 0.56
CA LYS A 14 -2.34 14.44 1.35
C LYS A 14 -0.85 14.45 1.65
N ASP A 15 -0.28 13.26 1.71
CA ASP A 15 1.13 13.11 2.03
C ASP A 15 1.74 12.10 1.06
N LYS A 16 1.21 12.11 -0.15
CA LYS A 16 1.60 11.14 -1.17
C LYS A 16 2.87 11.53 -1.94
N PRO A 17 3.03 12.80 -2.39
CA PRO A 17 4.19 13.21 -3.19
C PRO A 17 5.54 12.93 -2.52
N THR A 18 5.48 12.83 -1.21
CA THR A 18 6.63 12.44 -0.43
C THR A 18 6.96 10.95 -0.65
N TYR A 19 5.91 10.13 -0.71
CA TYR A 19 6.08 8.72 -1.00
C TYR A 19 6.43 8.54 -2.47
N ASP A 20 6.07 9.53 -3.28
CA ASP A 20 6.43 9.56 -4.70
C ASP A 20 7.94 9.70 -4.85
N GLU A 21 8.50 10.61 -4.06
CA GLU A 21 9.94 10.82 -4.01
C GLU A 21 10.63 9.53 -3.57
N ILE A 22 10.05 8.84 -2.60
CA ILE A 22 10.59 7.57 -2.13
C ILE A 22 10.41 6.48 -3.20
N PHE A 23 9.28 6.52 -3.87
CA PHE A 23 8.93 5.52 -4.89
C PHE A 23 9.94 5.54 -6.04
N TYR A 24 10.19 6.71 -6.58
CA TYR A 24 11.06 6.84 -7.74
C TYR A 24 12.54 6.87 -7.35
N THR A 25 12.83 6.48 -6.12
CA THR A 25 14.22 6.30 -5.70
C THR A 25 14.47 4.86 -5.30
N LEU A 26 13.44 4.02 -5.45
CA LEU A 26 13.56 2.60 -5.13
C LEU A 26 13.64 1.76 -6.39
N SER A 27 13.84 2.45 -7.52
CA SER A 27 13.94 1.81 -8.82
C SER A 27 12.62 1.17 -9.23
N PRO A 28 11.68 1.97 -9.76
CA PRO A 28 10.42 1.47 -10.27
C PRO A 28 10.57 0.94 -11.69
N VAL A 29 10.11 -0.28 -11.92
CA VAL A 29 10.20 -0.90 -13.24
C VAL A 29 8.82 -0.94 -13.89
N ASN A 30 8.64 -0.09 -14.90
CA ASN A 30 7.39 -0.02 -15.67
C ASN A 30 6.26 0.53 -14.81
N GLY A 31 6.63 1.37 -13.85
CA GLY A 31 5.64 2.03 -13.01
C GLY A 31 5.34 1.29 -11.73
N LYS A 32 5.94 0.12 -11.57
CA LYS A 32 5.76 -0.69 -10.37
C LYS A 32 7.08 -0.95 -9.69
N ILE A 33 7.11 -0.90 -8.38
CA ILE A 33 8.27 -1.36 -7.64
C ILE A 33 8.00 -2.75 -7.10
N THR A 34 9.02 -3.57 -7.05
CA THR A 34 8.84 -4.94 -6.62
C THR A 34 8.78 -5.02 -5.10
N GLY A 35 8.32 -6.15 -4.58
CA GLY A 35 8.25 -6.34 -3.14
C GLY A 35 9.61 -6.23 -2.48
N ALA A 36 10.67 -6.41 -3.26
CA ALA A 36 12.03 -6.36 -2.74
C ALA A 36 12.38 -4.95 -2.27
N ASN A 37 12.02 -3.96 -3.08
CA ASN A 37 12.38 -2.58 -2.79
C ASN A 37 11.48 -2.03 -1.69
N ALA A 38 10.20 -2.34 -1.81
CA ALA A 38 9.21 -1.96 -0.82
C ALA A 38 9.58 -2.56 0.54
N LYS A 39 9.84 -3.87 0.55
CA LYS A 39 10.24 -4.56 1.77
C LYS A 39 11.48 -3.92 2.37
N LYS A 40 12.43 -3.54 1.51
CA LYS A 40 13.64 -2.86 1.97
C LYS A 40 13.28 -1.66 2.84
N GLU A 41 12.36 -0.84 2.35
CA GLU A 41 11.91 0.34 3.10
C GLU A 41 11.16 -0.07 4.36
N MET A 42 10.36 -1.12 4.24
CA MET A 42 9.57 -1.60 5.37
C MET A 42 10.48 -2.19 6.44
N VAL A 43 11.65 -2.68 6.02
CA VAL A 43 12.66 -3.18 6.94
C VAL A 43 13.27 -2.02 7.71
N LYS A 44 13.49 -0.89 7.03
CA LYS A 44 13.98 0.31 7.70
C LYS A 44 12.93 0.85 8.68
N SER A 45 11.68 0.48 8.47
CA SER A 45 10.61 0.89 9.37
C SER A 45 10.66 0.10 10.68
N LYS A 46 11.40 -1.02 10.66
CA LYS A 46 11.65 -1.83 11.87
C LYS A 46 10.38 -2.47 12.42
N LEU A 47 9.38 -2.66 11.57
CA LEU A 47 8.14 -3.29 12.01
C LEU A 47 8.26 -4.80 11.94
N PRO A 48 7.53 -5.51 12.79
CA PRO A 48 7.48 -6.98 12.77
C PRO A 48 6.85 -7.51 11.49
N ASN A 49 7.29 -8.70 11.06
CA ASN A 49 6.81 -9.32 9.82
C ASN A 49 5.29 -9.39 9.78
N THR A 50 4.68 -9.63 10.94
CA THR A 50 3.23 -9.74 11.04
C THR A 50 2.56 -8.43 10.62
N VAL A 51 3.08 -7.30 11.12
CA VAL A 51 2.53 -6.00 10.80
C VAL A 51 2.89 -5.62 9.36
N LEU A 52 4.11 -5.95 8.95
CA LEU A 52 4.55 -5.70 7.58
C LEU A 52 3.65 -6.44 6.59
N GLY A 53 3.42 -7.71 6.86
CA GLY A 53 2.59 -8.53 6.00
C GLY A 53 1.17 -8.03 5.93
N LYS A 54 0.62 -7.62 7.07
CA LYS A 54 -0.77 -7.15 7.09
C LYS A 54 -0.88 -5.85 6.29
N ILE A 55 0.12 -4.98 6.41
CA ILE A 55 0.13 -3.72 5.67
C ILE A 55 0.24 -3.99 4.18
N TRP A 56 1.07 -4.98 3.82
CA TRP A 56 1.22 -5.38 2.43
C TRP A 56 -0.10 -5.89 1.87
N LYS A 57 -0.72 -6.82 2.58
CA LYS A 57 -1.95 -7.46 2.13
C LYS A 57 -3.13 -6.48 2.12
N LEU A 58 -2.95 -5.32 2.74
CA LEU A 58 -3.97 -4.25 2.68
C LEU A 58 -3.67 -3.28 1.55
N ALA A 59 -2.43 -2.81 1.51
CA ALA A 59 -2.03 -1.76 0.58
C ALA A 59 -1.95 -2.28 -0.85
N ASP A 60 -1.59 -3.54 -1.00
CA ASP A 60 -1.46 -4.12 -2.33
C ASP A 60 -2.79 -4.69 -2.78
N VAL A 61 -3.63 -3.81 -3.32
CA VAL A 61 -4.97 -4.18 -3.75
C VAL A 61 -4.93 -5.07 -4.98
N ASP A 62 -3.90 -4.90 -5.80
CA ASP A 62 -3.76 -5.71 -7.00
C ASP A 62 -3.33 -7.11 -6.65
N LYS A 63 -2.77 -7.26 -5.45
CA LYS A 63 -2.32 -8.55 -4.95
C LYS A 63 -1.29 -9.13 -5.89
N ASP A 64 -0.60 -8.22 -6.58
CA ASP A 64 0.27 -8.55 -7.68
C ASP A 64 1.73 -8.62 -7.24
N GLY A 65 1.94 -8.57 -5.93
CA GLY A 65 3.30 -8.64 -5.39
C GLY A 65 4.10 -7.42 -5.76
N LEU A 66 3.41 -6.44 -6.33
CA LEU A 66 4.03 -5.23 -6.81
C LEU A 66 3.28 -4.02 -6.30
N LEU A 67 4.03 -3.03 -5.87
CA LEU A 67 3.43 -1.80 -5.39
C LEU A 67 3.58 -0.69 -6.39
N ASP A 68 2.47 -0.26 -6.97
CA ASP A 68 2.44 0.93 -7.80
C ASP A 68 2.53 2.17 -6.93
N ASP A 69 2.48 3.34 -7.55
CA ASP A 69 2.59 4.60 -6.82
C ASP A 69 1.52 4.68 -5.73
N GLU A 70 0.30 4.28 -6.09
CA GLU A 70 -0.81 4.32 -5.15
C GLU A 70 -0.59 3.34 -4.00
N GLU A 71 -0.35 2.08 -4.34
CA GLU A 71 -0.23 1.02 -3.35
C GLU A 71 0.93 1.29 -2.39
N PHE A 72 2.03 1.82 -2.92
CA PHE A 72 3.21 2.10 -2.11
C PHE A 72 2.99 3.34 -1.25
N ALA A 73 2.10 4.23 -1.68
CA ALA A 73 1.84 5.45 -0.95
C ALA A 73 0.97 5.12 0.24
N LEU A 74 0.00 4.27 0.00
CA LEU A 74 -0.85 3.77 1.04
C LEU A 74 -0.02 2.93 2.02
N ALA A 75 0.95 2.18 1.48
CA ALA A 75 1.86 1.39 2.30
C ALA A 75 2.59 2.27 3.31
N ASN A 76 3.27 3.30 2.81
CA ASN A 76 4.03 4.20 3.67
C ASN A 76 3.13 4.94 4.64
N HIS A 77 1.90 5.20 4.21
CA HIS A 77 0.94 5.89 5.04
C HIS A 77 0.55 5.02 6.25
N LEU A 78 0.38 3.73 6.01
CA LEU A 78 0.09 2.78 7.10
C LEU A 78 1.32 2.58 7.96
N ILE A 79 2.48 2.53 7.30
CA ILE A 79 3.75 2.41 8.00
C ILE A 79 3.95 3.55 8.99
N LYS A 80 3.81 4.77 8.53
CA LYS A 80 4.07 5.93 9.36
C LYS A 80 2.91 6.17 10.33
N VAL A 81 1.71 5.71 9.97
CA VAL A 81 0.57 5.89 10.85
C VAL A 81 0.74 5.03 12.09
N LYS A 82 1.28 3.82 11.90
CA LYS A 82 1.64 2.96 13.01
C LYS A 82 2.80 3.58 13.80
N LEU A 83 3.73 4.17 13.07
CA LEU A 83 4.90 4.80 13.68
C LEU A 83 4.49 5.94 14.59
N GLU A 84 3.50 6.71 14.17
CA GLU A 84 2.98 7.82 14.97
C GLU A 84 2.19 7.31 16.18
N GLY A 85 1.93 6.01 16.20
CA GLY A 85 1.25 5.42 17.33
C GLY A 85 -0.23 5.22 17.09
N HIS A 86 -0.62 5.18 15.82
CA HIS A 86 -2.01 4.96 15.48
C HIS A 86 -2.21 3.50 15.10
N GLU A 87 -3.08 2.82 15.82
CA GLU A 87 -3.31 1.40 15.58
C GLU A 87 -4.25 1.21 14.41
N LEU A 88 -3.69 0.89 13.26
CA LEU A 88 -4.47 0.61 12.06
C LEU A 88 -5.37 -0.59 12.31
N PRO A 89 -6.67 -0.47 11.94
CA PRO A 89 -7.68 -1.48 12.24
C PRO A 89 -7.55 -2.76 11.41
N ALA A 90 -6.49 -2.83 10.61
CA ALA A 90 -6.25 -3.96 9.72
C ALA A 90 -7.36 -4.08 8.68
N ASP A 91 -7.97 -2.94 8.35
CA ASP A 91 -9.03 -2.91 7.35
C ASP A 91 -8.61 -2.04 6.20
N LEU A 92 -9.31 -2.21 5.11
CA LEU A 92 -9.17 -1.29 4.00
C LEU A 92 -10.55 -0.76 3.62
N PRO A 93 -11.00 0.31 4.30
CA PRO A 93 -12.24 0.98 3.95
C PRO A 93 -12.18 1.58 2.54
N PRO A 94 -13.32 1.58 1.83
CA PRO A 94 -13.41 2.04 0.44
C PRO A 94 -12.72 3.38 0.17
N HIS A 95 -12.72 4.27 1.16
CA HIS A 95 -12.15 5.61 0.97
C HIS A 95 -10.62 5.60 1.12
N LEU A 96 -10.05 4.43 1.32
CA LEU A 96 -8.60 4.30 1.40
C LEU A 96 -8.06 3.46 0.25
N VAL A 97 -8.96 2.84 -0.51
CA VAL A 97 -8.58 1.94 -1.59
C VAL A 97 -7.86 2.71 -2.70
N PRO A 98 -6.62 2.31 -3.03
CA PRO A 98 -5.84 2.90 -4.11
C PRO A 98 -6.57 2.82 -5.46
N PRO A 99 -6.50 3.89 -6.28
CA PRO A 99 -7.16 3.95 -7.59
C PRO A 99 -6.66 2.91 -8.59
N SER A 100 -5.73 2.05 -8.16
CA SER A 100 -5.18 1.03 -9.04
C SER A 100 -6.20 -0.07 -9.31
N LYS A 101 -7.04 -0.35 -8.33
CA LYS A 101 -7.95 -1.48 -8.42
C LYS A 101 -9.31 -1.07 -9.00
N ARG A 102 -9.38 0.11 -9.60
CA ARG A 102 -10.63 0.57 -10.21
C ARG A 102 -10.86 -0.15 -11.53
N ARG A 103 -11.87 -1.01 -11.57
CA ARG A 103 -12.15 -1.80 -12.75
C ARG A 103 -13.13 -1.08 -13.68
N HIS A 104 -12.98 -1.32 -14.96
CA HIS A 104 -13.92 -0.83 -15.96
C HIS A 104 -14.38 -2.00 -16.81
N GLU A 105 -15.55 -2.50 -16.53
CA GLU A 105 -16.09 -3.65 -17.23
C GLU A 105 -17.39 -3.29 -17.94
N PHE B 1 5.92 -25.03 -9.95
CA PHE B 1 7.03 -25.25 -8.99
C PHE B 1 6.85 -24.39 -7.75
N ASN B 2 6.69 -25.08 -6.62
CA ASN B 2 6.58 -24.44 -5.31
C ASN B 2 5.27 -23.68 -5.17
N TYR B 3 5.17 -22.88 -4.12
CA TYR B 3 3.96 -22.10 -3.85
C TYR B 3 4.07 -20.70 -4.41
N GLU B 4 2.95 -20.16 -4.84
CA GLU B 4 2.90 -18.81 -5.36
C GLU B 4 2.77 -17.81 -4.23
N SER B 5 3.87 -17.16 -3.89
CA SER B 5 3.87 -16.18 -2.82
C SER B 5 3.78 -14.78 -3.38
N THR B 6 3.08 -13.91 -2.67
CA THR B 6 2.92 -12.53 -3.09
C THR B 6 3.39 -11.60 -1.97
N ASP B 7 3.68 -12.18 -0.81
CA ASP B 7 4.07 -11.41 0.36
C ASP B 7 5.49 -11.77 0.79
N PRO B 8 6.40 -10.78 0.76
CA PRO B 8 7.83 -11.00 1.03
C PRO B 8 8.15 -11.20 2.51
N PHE B 9 7.15 -11.13 3.37
CA PHE B 9 7.38 -11.21 4.82
C PHE B 9 6.95 -12.57 5.35
N THR B 10 6.03 -13.22 4.65
CA THR B 10 5.50 -14.51 5.07
C THR B 10 6.45 -15.66 4.70
N ALA B 11 7.72 -15.33 4.51
CA ALA B 11 8.73 -16.32 4.21
C ALA B 11 9.21 -17.02 5.48
N LYS B 12 8.73 -16.54 6.62
CA LYS B 12 9.05 -17.14 7.91
C LYS B 12 7.94 -18.09 8.33
N GLY A 1 -35.98 12.69 -0.37
CA GLY A 1 -35.60 11.30 -0.72
C GLY A 1 -34.77 10.66 0.37
N PRO A 2 -34.10 9.53 0.07
CA PRO A 2 -33.28 8.80 1.04
C PRO A 2 -31.91 9.44 1.23
N LEU A 3 -30.98 8.67 1.79
CA LEU A 3 -29.62 9.15 2.01
C LEU A 3 -28.74 8.75 0.83
N GLY A 4 -27.75 9.56 0.53
CA GLY A 4 -26.89 9.28 -0.59
C GLY A 4 -25.79 10.31 -0.76
N SER A 5 -24.53 9.88 -0.66
CA SER A 5 -23.39 10.75 -0.85
C SER A 5 -22.18 9.94 -1.28
N ASP A 6 -21.82 10.01 -2.55
CA ASP A 6 -20.63 9.32 -3.04
C ASP A 6 -19.48 10.31 -3.19
N ASP A 7 -18.70 10.42 -2.12
CA ASP A 7 -17.55 11.30 -2.10
C ASP A 7 -16.31 10.49 -1.74
N VAL A 8 -15.59 10.05 -2.76
CA VAL A 8 -14.42 9.21 -2.53
C VAL A 8 -13.16 10.04 -2.57
N GLU A 9 -12.73 10.50 -1.40
CA GLU A 9 -11.50 11.26 -1.29
C GLU A 9 -10.39 10.39 -0.69
N TRP A 10 -9.42 10.05 -1.51
CA TRP A 10 -8.30 9.26 -1.05
C TRP A 10 -7.40 10.11 -0.17
N VAL A 11 -7.52 9.91 1.14
CA VAL A 11 -6.85 10.75 2.13
C VAL A 11 -5.33 10.69 2.02
N VAL A 12 -4.82 9.68 1.34
CA VAL A 12 -3.38 9.50 1.19
C VAL A 12 -2.89 10.24 -0.05
N GLY A 13 -3.84 10.75 -0.83
CA GLY A 13 -3.50 11.43 -2.07
C GLY A 13 -2.85 12.77 -1.85
N LYS A 14 -3.06 13.34 -0.67
CA LYS A 14 -2.47 14.64 -0.35
C LYS A 14 -0.98 14.46 -0.08
N ASP A 15 -0.62 13.29 0.43
CA ASP A 15 0.73 13.03 0.89
C ASP A 15 1.37 11.96 0.04
N LYS A 16 1.01 11.92 -1.23
CA LYS A 16 1.54 10.93 -2.14
C LYS A 16 2.90 11.33 -2.70
N PRO A 17 3.06 12.58 -3.22
CA PRO A 17 4.32 13.02 -3.84
C PRO A 17 5.58 12.76 -3.00
N THR A 18 5.44 12.76 -1.68
CA THR A 18 6.58 12.47 -0.81
C THR A 18 6.97 10.99 -0.91
N TYR A 19 5.98 10.12 -0.85
CA TYR A 19 6.20 8.69 -0.98
C TYR A 19 6.48 8.37 -2.44
N ASP A 20 6.07 9.28 -3.32
CA ASP A 20 6.32 9.18 -4.75
C ASP A 20 7.81 9.38 -5.01
N GLU A 21 8.40 10.35 -4.32
CA GLU A 21 9.84 10.56 -4.40
C GLU A 21 10.59 9.35 -3.84
N ILE A 22 10.09 8.82 -2.72
CA ILE A 22 10.66 7.59 -2.14
C ILE A 22 10.51 6.44 -3.13
N PHE A 23 9.37 6.40 -3.80
CA PHE A 23 9.04 5.37 -4.77
C PHE A 23 10.09 5.31 -5.89
N TYR A 24 10.36 6.44 -6.52
CA TYR A 24 11.26 6.48 -7.65
C TYR A 24 12.72 6.35 -7.23
N THR A 25 13.02 6.65 -5.97
CA THR A 25 14.40 6.56 -5.49
C THR A 25 14.75 5.13 -5.09
N LEU A 26 13.80 4.20 -5.27
CA LEU A 26 14.06 2.80 -4.96
C LEU A 26 14.20 1.99 -6.24
N SER A 27 14.27 2.71 -7.37
CA SER A 27 14.37 2.10 -8.70
C SER A 27 13.11 1.33 -9.06
N PRO A 28 12.12 2.03 -9.64
CA PRO A 28 10.86 1.41 -10.05
C PRO A 28 10.98 0.70 -11.39
N VAL A 29 10.48 -0.52 -11.45
CA VAL A 29 10.51 -1.31 -12.66
C VAL A 29 9.10 -1.48 -13.22
N ASN A 30 8.93 -1.08 -14.47
CA ASN A 30 7.65 -1.17 -15.18
C ASN A 30 6.60 -0.28 -14.53
N GLY A 31 7.06 0.75 -13.82
CA GLY A 31 6.15 1.70 -13.20
C GLY A 31 5.77 1.28 -11.78
N LYS A 32 6.29 0.15 -11.35
CA LYS A 32 5.98 -0.38 -10.03
C LYS A 32 7.27 -0.58 -9.24
N ILE A 33 7.16 -0.76 -7.94
CA ILE A 33 8.31 -1.23 -7.17
C ILE A 33 8.04 -2.64 -6.68
N THR A 34 8.98 -3.52 -6.91
CA THR A 34 8.84 -4.91 -6.52
C THR A 34 8.89 -5.06 -5.01
N GLY A 35 8.28 -6.11 -4.50
CA GLY A 35 8.30 -6.40 -3.06
C GLY A 35 9.70 -6.50 -2.47
N ALA A 36 10.72 -6.50 -3.33
CA ALA A 36 12.10 -6.54 -2.87
C ALA A 36 12.49 -5.23 -2.22
N ASN A 37 12.55 -4.16 -3.01
CA ASN A 37 12.92 -2.85 -2.50
C ASN A 37 11.82 -2.31 -1.59
N ALA A 38 10.59 -2.71 -1.84
CA ALA A 38 9.47 -2.35 -0.99
C ALA A 38 9.71 -2.88 0.42
N LYS A 39 10.06 -4.16 0.53
CA LYS A 39 10.31 -4.76 1.83
C LYS A 39 11.51 -4.11 2.49
N LYS A 40 12.51 -3.77 1.67
CA LYS A 40 13.69 -3.06 2.15
C LYS A 40 13.29 -1.77 2.88
N GLU A 41 12.34 -1.05 2.32
CA GLU A 41 11.85 0.16 2.96
C GLU A 41 11.05 -0.17 4.20
N MET A 42 10.28 -1.24 4.12
CA MET A 42 9.42 -1.66 5.22
C MET A 42 10.25 -2.17 6.40
N VAL A 43 11.44 -2.70 6.13
CA VAL A 43 12.33 -3.10 7.21
C VAL A 43 13.07 -1.89 7.77
N LYS A 44 13.19 -0.83 6.97
CA LYS A 44 13.72 0.44 7.50
C LYS A 44 12.72 1.02 8.51
N SER A 45 11.45 0.69 8.31
CA SER A 45 10.39 1.12 9.21
C SER A 45 10.54 0.46 10.58
N LYS A 46 11.32 -0.63 10.61
CA LYS A 46 11.63 -1.35 11.85
C LYS A 46 10.39 -2.04 12.44
N LEU A 47 9.40 -2.28 11.59
CA LEU A 47 8.18 -2.96 12.01
C LEU A 47 8.36 -4.46 11.85
N PRO A 48 7.59 -5.26 12.62
CA PRO A 48 7.64 -6.71 12.55
C PRO A 48 7.12 -7.24 11.20
N ASN A 49 7.71 -8.34 10.76
CA ASN A 49 7.39 -8.94 9.46
C ASN A 49 5.90 -9.24 9.35
N THR A 50 5.30 -9.66 10.45
CA THR A 50 3.88 -9.97 10.51
C THR A 50 3.03 -8.74 10.14
N VAL A 51 3.35 -7.61 10.77
CA VAL A 51 2.63 -6.37 10.52
C VAL A 51 2.92 -5.88 9.11
N LEU A 52 4.16 -6.06 8.66
CA LEU A 52 4.53 -5.72 7.30
C LEU A 52 3.67 -6.49 6.30
N GLY A 53 3.45 -7.78 6.59
CA GLY A 53 2.60 -8.59 5.76
C GLY A 53 1.18 -8.07 5.69
N LYS A 54 0.67 -7.61 6.83
CA LYS A 54 -0.65 -7.00 6.87
C LYS A 54 -0.69 -5.73 6.03
N ILE A 55 0.32 -4.86 6.21
CA ILE A 55 0.41 -3.61 5.47
C ILE A 55 0.34 -3.87 3.98
N TRP A 56 1.08 -4.88 3.54
CA TRP A 56 1.11 -5.25 2.13
C TRP A 56 -0.28 -5.63 1.64
N LYS A 57 -0.93 -6.56 2.35
CA LYS A 57 -2.22 -7.10 1.91
C LYS A 57 -3.33 -6.04 1.96
N LEU A 58 -3.06 -4.93 2.62
CA LEU A 58 -4.00 -3.81 2.65
C LEU A 58 -3.68 -2.81 1.56
N ALA A 59 -2.39 -2.58 1.35
CA ALA A 59 -1.94 -1.59 0.38
C ALA A 59 -2.00 -2.14 -1.03
N ASP A 60 -1.71 -3.44 -1.20
CA ASP A 60 -1.72 -4.06 -2.52
C ASP A 60 -3.15 -4.47 -2.88
N VAL A 61 -3.97 -3.46 -3.15
CA VAL A 61 -5.36 -3.64 -3.53
C VAL A 61 -5.44 -4.07 -4.98
N ASP A 62 -4.34 -3.85 -5.67
CA ASP A 62 -4.17 -4.23 -7.07
C ASP A 62 -3.71 -5.68 -7.15
N LYS A 63 -3.14 -6.14 -6.03
CA LYS A 63 -2.87 -7.56 -5.79
C LYS A 63 -1.94 -8.14 -6.83
N ASP A 64 -0.92 -7.37 -7.21
CA ASP A 64 -0.04 -7.79 -8.29
C ASP A 64 1.37 -8.05 -7.78
N GLY A 65 1.53 -8.05 -6.46
CA GLY A 65 2.82 -8.36 -5.87
C GLY A 65 3.77 -7.20 -5.93
N LEU A 66 3.29 -6.14 -6.55
CA LEU A 66 4.08 -4.96 -6.77
C LEU A 66 3.40 -3.79 -6.10
N LEU A 67 4.14 -2.99 -5.37
CA LEU A 67 3.54 -1.79 -4.86
C LEU A 67 3.59 -0.75 -5.94
N ASP A 68 2.43 -0.44 -6.48
CA ASP A 68 2.28 0.67 -7.39
C ASP A 68 2.40 1.95 -6.58
N ASP A 69 2.47 3.11 -7.24
CA ASP A 69 2.72 4.36 -6.54
C ASP A 69 1.65 4.63 -5.47
N GLU A 70 0.40 4.35 -5.80
CA GLU A 70 -0.70 4.56 -4.86
C GLU A 70 -0.62 3.55 -3.71
N GLU A 71 -0.30 2.31 -4.05
CA GLU A 71 -0.26 1.23 -3.09
C GLU A 71 0.89 1.45 -2.10
N PHE A 72 2.01 1.94 -2.61
CA PHE A 72 3.18 2.21 -1.78
C PHE A 72 2.96 3.45 -0.92
N ALA A 73 2.08 4.33 -1.35
CA ALA A 73 1.81 5.55 -0.63
C ALA A 73 0.90 5.23 0.53
N LEU A 74 -0.07 4.38 0.25
CA LEU A 74 -0.96 3.86 1.26
C LEU A 74 -0.17 2.98 2.25
N ALA A 75 0.82 2.26 1.72
CA ALA A 75 1.72 1.46 2.55
C ALA A 75 2.41 2.33 3.60
N ASN A 76 3.10 3.37 3.14
CA ASN A 76 3.80 4.28 4.05
C ASN A 76 2.82 4.96 5.00
N HIS A 77 1.58 5.13 4.56
CA HIS A 77 0.54 5.71 5.39
C HIS A 77 0.27 4.82 6.60
N LEU A 78 0.09 3.52 6.37
CA LEU A 78 -0.18 2.58 7.46
C LEU A 78 1.04 2.48 8.36
N ILE A 79 2.23 2.61 7.76
CA ILE A 79 3.49 2.59 8.51
C ILE A 79 3.55 3.72 9.54
N LYS A 80 3.29 4.95 9.11
CA LYS A 80 3.36 6.08 10.03
C LYS A 80 2.25 6.00 11.06
N VAL A 81 1.04 5.61 10.63
CA VAL A 81 -0.08 5.44 11.56
C VAL A 81 0.32 4.50 12.70
N LYS A 82 0.90 3.37 12.32
CA LYS A 82 1.42 2.40 13.26
C LYS A 82 2.47 3.03 14.18
N LEU A 83 3.51 3.61 13.58
CA LEU A 83 4.66 4.13 14.32
C LEU A 83 4.25 5.27 15.25
N GLU A 84 3.24 6.04 14.85
CA GLU A 84 2.80 7.19 15.63
C GLU A 84 1.89 6.77 16.78
N GLY A 85 1.73 5.46 16.94
CA GLY A 85 1.02 4.94 18.10
C GLY A 85 -0.41 4.51 17.79
N HIS A 86 -0.64 4.02 16.59
CA HIS A 86 -1.96 3.56 16.19
C HIS A 86 -1.88 2.18 15.56
N GLU A 87 -3.04 1.59 15.27
CA GLU A 87 -3.10 0.24 14.77
C GLU A 87 -3.78 0.18 13.40
N LEU A 88 -3.45 -0.85 12.64
CA LEU A 88 -4.06 -1.05 11.34
C LEU A 88 -5.28 -1.97 11.47
N PRO A 89 -6.44 -1.54 10.95
CA PRO A 89 -7.72 -2.24 11.16
C PRO A 89 -7.82 -3.56 10.40
N ALA A 90 -6.84 -3.82 9.55
CA ALA A 90 -6.77 -5.05 8.76
C ALA A 90 -7.97 -5.21 7.81
N ASP A 91 -8.66 -4.11 7.54
CA ASP A 91 -9.73 -4.09 6.56
C ASP A 91 -9.50 -2.99 5.56
N LEU A 92 -10.34 -2.92 4.55
CA LEU A 92 -10.21 -1.91 3.52
C LEU A 92 -11.50 -1.11 3.42
N PRO A 93 -11.62 -0.03 4.20
CA PRO A 93 -12.79 0.86 4.16
C PRO A 93 -12.89 1.62 2.84
N PRO A 94 -14.12 1.96 2.42
CA PRO A 94 -14.38 2.58 1.12
C PRO A 94 -13.65 3.90 0.89
N HIS A 95 -13.23 4.56 1.98
CA HIS A 95 -12.59 5.87 1.85
C HIS A 95 -11.07 5.76 1.87
N LEU A 96 -10.56 4.53 1.72
CA LEU A 96 -9.11 4.33 1.66
C LEU A 96 -8.71 3.65 0.36
N VAL A 97 -9.66 3.46 -0.55
CA VAL A 97 -9.37 2.82 -1.81
C VAL A 97 -8.78 3.83 -2.81
N PRO A 98 -7.62 3.49 -3.38
CA PRO A 98 -6.94 4.35 -4.36
C PRO A 98 -7.67 4.41 -5.70
N PRO A 99 -7.34 5.40 -6.55
CA PRO A 99 -7.97 5.58 -7.86
C PRO A 99 -7.87 4.33 -8.74
N SER A 100 -6.79 3.56 -8.59
CA SER A 100 -6.60 2.35 -9.38
C SER A 100 -7.45 1.20 -8.82
N LYS A 101 -8.31 1.51 -7.87
CA LYS A 101 -9.24 0.52 -7.35
C LYS A 101 -10.67 0.82 -7.80
N ARG A 102 -10.79 1.68 -8.82
CA ARG A 102 -12.09 1.96 -9.40
C ARG A 102 -12.47 0.88 -10.40
N ARG A 103 -13.59 0.22 -10.12
CA ARG A 103 -14.08 -0.85 -10.98
C ARG A 103 -14.82 -0.27 -12.18
N HIS A 104 -14.51 -0.75 -13.36
CA HIS A 104 -15.23 -0.34 -14.56
C HIS A 104 -15.96 -1.54 -15.15
N GLU A 105 -17.29 -1.50 -15.10
CA GLU A 105 -18.11 -2.58 -15.63
C GLU A 105 -18.14 -2.55 -17.15
N PHE B 1 -9.71 -20.69 -6.28
CA PHE B 1 -10.94 -19.94 -5.94
C PHE B 1 -10.57 -18.55 -5.39
N ASN B 2 -9.69 -18.54 -4.40
CA ASN B 2 -9.16 -17.31 -3.84
C ASN B 2 -7.72 -17.13 -4.30
N TYR B 3 -6.95 -16.39 -3.53
CA TYR B 3 -5.54 -16.19 -3.84
C TYR B 3 -4.70 -16.48 -2.60
N GLU B 4 -3.49 -16.97 -2.80
CA GLU B 4 -2.61 -17.26 -1.68
C GLU B 4 -1.49 -16.23 -1.61
N SER B 5 -0.68 -16.32 -0.57
CA SER B 5 0.33 -15.32 -0.30
C SER B 5 1.66 -15.64 -0.97
N THR B 6 2.15 -14.69 -1.76
CA THR B 6 3.42 -14.83 -2.46
C THR B 6 4.33 -13.68 -2.06
N ASP B 7 3.95 -12.98 -1.01
CA ASP B 7 4.65 -11.79 -0.56
C ASP B 7 5.89 -12.15 0.26
N PRO B 8 6.90 -11.26 0.24
CA PRO B 8 8.19 -11.46 0.93
C PRO B 8 8.07 -11.55 2.46
N PHE B 9 6.85 -11.45 2.98
CA PHE B 9 6.65 -11.48 4.42
C PHE B 9 6.18 -12.85 4.88
N THR B 10 5.17 -13.37 4.20
CA THR B 10 4.59 -14.65 4.58
C THR B 10 5.33 -15.82 3.91
N ALA B 11 6.14 -15.51 2.92
CA ALA B 11 6.91 -16.52 2.20
C ALA B 11 8.13 -16.95 2.99
N LYS B 12 8.04 -18.14 3.58
CA LYS B 12 9.13 -18.75 4.34
C LYS B 12 9.54 -17.86 5.52
N GLY A 1 -19.43 6.00 -10.31
CA GLY A 1 -20.88 6.20 -10.56
C GLY A 1 -21.18 7.62 -11.00
N PRO A 2 -22.33 7.84 -11.66
CA PRO A 2 -22.72 9.16 -12.17
C PRO A 2 -23.16 10.13 -11.07
N LEU A 3 -23.49 9.58 -9.91
CA LEU A 3 -23.91 10.39 -8.78
C LEU A 3 -23.01 10.13 -7.57
N GLY A 4 -22.35 11.17 -7.08
CA GLY A 4 -21.42 11.00 -5.99
C GLY A 4 -21.94 11.60 -4.69
N SER A 5 -22.60 12.74 -4.80
CA SER A 5 -23.14 13.48 -3.65
C SER A 5 -22.00 14.11 -2.85
N ASP A 6 -21.21 13.29 -2.18
CA ASP A 6 -20.08 13.75 -1.38
C ASP A 6 -18.77 13.38 -2.07
N ASP A 7 -17.95 14.38 -2.38
CA ASP A 7 -16.66 14.12 -3.01
C ASP A 7 -15.65 13.71 -1.94
N VAL A 8 -14.84 12.72 -2.27
CA VAL A 8 -13.96 12.11 -1.29
C VAL A 8 -12.53 12.60 -1.43
N GLU A 9 -11.89 12.87 -0.30
CA GLU A 9 -10.47 13.18 -0.28
C GLU A 9 -9.68 11.90 -0.05
N TRP A 10 -8.84 11.53 -1.01
CA TRP A 10 -7.91 10.44 -0.80
C TRP A 10 -6.84 10.94 0.16
N VAL A 11 -6.97 10.55 1.43
CA VAL A 11 -6.16 11.12 2.52
C VAL A 11 -4.66 10.96 2.30
N VAL A 12 -4.29 10.01 1.44
CA VAL A 12 -2.89 9.75 1.16
C VAL A 12 -2.43 10.56 -0.05
N GLY A 13 -3.37 10.90 -0.93
CA GLY A 13 -3.04 11.59 -2.16
C GLY A 13 -2.58 13.03 -1.93
N LYS A 14 -2.99 13.60 -0.81
CA LYS A 14 -2.67 14.98 -0.49
C LYS A 14 -1.19 15.08 -0.08
N ASP A 15 -0.64 13.94 0.32
CA ASP A 15 0.73 13.88 0.79
C ASP A 15 1.41 12.68 0.14
N LYS A 16 1.01 12.43 -1.10
CA LYS A 16 1.57 11.34 -1.87
C LYS A 16 2.93 11.72 -2.47
N PRO A 17 3.10 12.96 -3.01
CA PRO A 17 4.40 13.44 -3.51
C PRO A 17 5.60 13.12 -2.60
N THR A 18 5.37 13.04 -1.29
CA THR A 18 6.44 12.67 -0.37
C THR A 18 6.81 11.20 -0.56
N TYR A 19 5.78 10.36 -0.63
CA TYR A 19 5.98 8.94 -0.87
C TYR A 19 6.33 8.71 -2.34
N ASP A 20 6.04 9.71 -3.14
CA ASP A 20 6.36 9.71 -4.56
C ASP A 20 7.86 9.88 -4.75
N GLU A 21 8.43 10.82 -4.00
CA GLU A 21 9.87 10.99 -3.99
C GLU A 21 10.54 9.71 -3.51
N ILE A 22 9.98 9.12 -2.46
CA ILE A 22 10.46 7.83 -1.98
C ILE A 22 10.31 6.77 -3.08
N PHE A 23 9.19 6.81 -3.76
CA PHE A 23 8.89 5.89 -4.85
C PHE A 23 10.01 5.91 -5.90
N TYR A 24 10.59 7.07 -6.12
CA TYR A 24 11.66 7.20 -7.11
C TYR A 24 13.03 6.83 -6.55
N THR A 25 13.19 6.90 -5.24
CA THR A 25 14.45 6.51 -4.64
C THR A 25 14.55 4.98 -4.57
N LEU A 26 13.44 4.31 -4.85
CA LEU A 26 13.41 2.86 -4.89
C LEU A 26 13.47 2.34 -6.31
N SER A 27 13.69 3.26 -7.26
CA SER A 27 13.75 2.93 -8.68
C SER A 27 12.40 2.42 -9.18
N PRO A 28 11.53 3.34 -9.61
CA PRO A 28 10.19 2.99 -10.03
C PRO A 28 10.14 2.52 -11.49
N VAL A 29 10.04 1.22 -11.67
CA VAL A 29 10.07 0.64 -12.99
C VAL A 29 8.66 0.59 -13.58
N ASN A 30 8.43 1.41 -14.59
CA ASN A 30 7.18 1.41 -15.35
C ASN A 30 6.01 1.84 -14.47
N GLY A 31 6.31 2.63 -13.45
CA GLY A 31 5.27 3.10 -12.54
C GLY A 31 4.91 2.09 -11.49
N LYS A 32 5.81 1.16 -11.28
CA LYS A 32 5.65 0.12 -10.29
C LYS A 32 6.98 -0.14 -9.58
N ILE A 33 6.93 -0.64 -8.36
CA ILE A 33 8.13 -1.11 -7.68
C ILE A 33 7.91 -2.49 -7.09
N THR A 34 8.85 -3.38 -7.37
CA THR A 34 8.75 -4.75 -6.91
C THR A 34 8.84 -4.83 -5.38
N GLY A 35 8.40 -5.96 -4.82
CA GLY A 35 8.32 -6.11 -3.37
C GLY A 35 9.67 -6.08 -2.69
N ALA A 36 10.75 -6.28 -3.45
CA ALA A 36 12.10 -6.23 -2.89
C ALA A 36 12.40 -4.85 -2.30
N ASN A 37 12.16 -3.82 -3.11
CA ASN A 37 12.42 -2.44 -2.69
C ASN A 37 11.45 -2.03 -1.59
N ALA A 38 10.19 -2.40 -1.78
CA ALA A 38 9.14 -2.11 -0.82
C ALA A 38 9.46 -2.71 0.55
N LYS A 39 9.73 -4.01 0.58
CA LYS A 39 10.05 -4.70 1.82
C LYS A 39 11.31 -4.11 2.45
N LYS A 40 12.25 -3.71 1.59
CA LYS A 40 13.46 -3.03 2.03
C LYS A 40 13.10 -1.84 2.92
N GLU A 41 12.13 -1.04 2.46
CA GLU A 41 11.71 0.14 3.21
C GLU A 41 11.06 -0.29 4.52
N MET A 42 10.29 -1.37 4.45
CA MET A 42 9.52 -1.84 5.59
C MET A 42 10.43 -2.44 6.67
N VAL A 43 11.55 -3.03 6.27
CA VAL A 43 12.49 -3.59 7.24
C VAL A 43 13.37 -2.48 7.81
N LYS A 44 13.52 -1.38 7.07
CA LYS A 44 14.22 -0.21 7.59
C LYS A 44 13.37 0.46 8.65
N SER A 45 12.06 0.30 8.51
CA SER A 45 11.11 0.82 9.48
C SER A 45 11.25 0.11 10.83
N LYS A 46 11.87 -1.08 10.80
CA LYS A 46 12.14 -1.87 12.00
C LYS A 46 10.84 -2.29 12.69
N LEU A 47 9.82 -2.59 11.89
CA LEU A 47 8.54 -3.04 12.43
C LEU A 47 8.48 -4.56 12.37
N PRO A 48 7.56 -5.17 13.16
CA PRO A 48 7.40 -6.63 13.18
C PRO A 48 6.84 -7.15 11.86
N ASN A 49 7.31 -8.33 11.45
CA ASN A 49 6.92 -8.96 10.19
C ASN A 49 5.41 -9.13 10.10
N THR A 50 4.77 -9.35 11.25
CA THR A 50 3.32 -9.52 11.31
C THR A 50 2.59 -8.30 10.77
N VAL A 51 2.91 -7.14 11.32
CA VAL A 51 2.29 -5.88 10.90
C VAL A 51 2.71 -5.56 9.46
N LEU A 52 3.99 -5.77 9.16
CA LEU A 52 4.52 -5.53 7.82
C LEU A 52 3.73 -6.31 6.78
N GLY A 53 3.60 -7.62 6.99
CA GLY A 53 2.85 -8.46 6.06
C GLY A 53 1.41 -8.04 5.95
N LYS A 54 0.83 -7.65 7.08
CA LYS A 54 -0.56 -7.18 7.10
C LYS A 54 -0.70 -5.93 6.22
N ILE A 55 0.25 -5.01 6.36
CA ILE A 55 0.23 -3.77 5.60
C ILE A 55 0.32 -4.04 4.10
N TRP A 56 1.15 -5.01 3.74
CA TRP A 56 1.31 -5.41 2.34
C TRP A 56 -0.03 -5.92 1.79
N LYS A 57 -0.65 -6.81 2.55
CA LYS A 57 -1.91 -7.42 2.15
C LYS A 57 -3.05 -6.41 2.08
N LEU A 58 -2.85 -5.25 2.69
CA LEU A 58 -3.83 -4.16 2.63
C LEU A 58 -3.54 -3.22 1.47
N ALA A 59 -2.26 -2.86 1.32
CA ALA A 59 -1.84 -1.84 0.37
C ALA A 59 -1.79 -2.37 -1.05
N ASP A 60 -1.57 -3.67 -1.21
CA ASP A 60 -1.47 -4.24 -2.56
C ASP A 60 -2.84 -4.61 -3.09
N VAL A 61 -3.50 -3.62 -3.68
CA VAL A 61 -4.86 -3.77 -4.18
C VAL A 61 -4.91 -4.58 -5.46
N ASP A 62 -3.82 -4.58 -6.22
CA ASP A 62 -3.78 -5.32 -7.47
C ASP A 62 -3.56 -6.80 -7.23
N LYS A 63 -3.17 -7.12 -5.99
CA LYS A 63 -2.89 -8.50 -5.60
C LYS A 63 -1.77 -9.04 -6.48
N ASP A 64 -0.90 -8.12 -6.90
CA ASP A 64 0.11 -8.42 -7.90
C ASP A 64 1.49 -8.55 -7.27
N GLY A 65 1.53 -8.56 -5.94
CA GLY A 65 2.78 -8.81 -5.22
C GLY A 65 3.79 -7.74 -5.46
N LEU A 66 3.30 -6.61 -5.87
CA LEU A 66 4.13 -5.53 -6.28
C LEU A 66 3.34 -4.23 -6.14
N LEU A 67 4.00 -3.17 -5.73
CA LEU A 67 3.29 -1.93 -5.39
C LEU A 67 3.43 -0.88 -6.48
N ASP A 68 2.30 -0.35 -6.94
CA ASP A 68 2.29 0.79 -7.82
C ASP A 68 2.53 2.06 -7.03
N ASP A 69 2.47 3.19 -7.72
CA ASP A 69 2.62 4.49 -7.08
C ASP A 69 1.56 4.68 -6.00
N GLU A 70 0.34 4.27 -6.31
CA GLU A 70 -0.79 4.42 -5.40
C GLU A 70 -0.69 3.43 -4.25
N GLU A 71 -0.35 2.17 -4.57
CA GLU A 71 -0.23 1.13 -3.56
C GLU A 71 0.89 1.44 -2.58
N PHE A 72 2.01 1.92 -3.10
CA PHE A 72 3.16 2.26 -2.28
C PHE A 72 2.82 3.42 -1.37
N ALA A 73 2.03 4.36 -1.88
CA ALA A 73 1.54 5.47 -1.08
C ALA A 73 0.76 4.97 0.12
N LEU A 74 -0.13 4.00 -0.12
CA LEU A 74 -0.90 3.38 0.95
C LEU A 74 0.02 2.67 1.94
N ALA A 75 0.98 1.91 1.42
CA ALA A 75 1.96 1.21 2.26
C ALA A 75 2.65 2.17 3.20
N ASN A 76 3.29 3.19 2.64
CA ASN A 76 4.06 4.15 3.41
C ASN A 76 3.18 4.87 4.42
N HIS A 77 1.92 5.11 4.06
CA HIS A 77 1.00 5.80 4.95
C HIS A 77 0.67 4.91 6.14
N LEU A 78 0.34 3.65 5.89
CA LEU A 78 0.01 2.71 6.95
C LEU A 78 1.20 2.52 7.89
N ILE A 79 2.36 2.29 7.29
CA ILE A 79 3.60 2.09 8.04
C ILE A 79 3.89 3.29 8.93
N LYS A 80 3.89 4.48 8.34
CA LYS A 80 4.23 5.68 9.08
C LYS A 80 3.17 6.01 10.12
N VAL A 81 1.92 5.64 9.83
CA VAL A 81 0.83 5.83 10.80
C VAL A 81 1.10 5.02 12.07
N LYS A 82 1.55 3.78 11.89
CA LYS A 82 1.95 2.97 13.02
C LYS A 82 3.15 3.58 13.74
N LEU A 83 4.06 4.17 12.98
CA LEU A 83 5.24 4.80 13.55
C LEU A 83 4.89 6.07 14.30
N GLU A 84 3.83 6.75 13.85
CA GLU A 84 3.33 7.94 14.54
C GLU A 84 2.80 7.57 15.91
N GLY A 85 2.35 6.33 16.05
CA GLY A 85 1.72 5.89 17.28
C GLY A 85 0.22 5.73 17.12
N HIS A 86 -0.22 5.56 15.88
CA HIS A 86 -1.65 5.37 15.59
C HIS A 86 -1.94 3.91 15.26
N GLU A 87 -3.21 3.56 15.28
CA GLU A 87 -3.63 2.22 14.89
C GLU A 87 -4.34 2.26 13.55
N LEU A 88 -3.87 1.43 12.62
CA LEU A 88 -4.53 1.31 11.33
C LEU A 88 -5.82 0.49 11.47
N PRO A 89 -6.85 0.82 10.67
CA PRO A 89 -8.19 0.22 10.81
C PRO A 89 -8.23 -1.27 10.50
N ALA A 90 -7.12 -1.80 9.96
CA ALA A 90 -7.02 -3.20 9.56
C ALA A 90 -8.03 -3.54 8.47
N ASP A 91 -8.51 -2.52 7.79
CA ASP A 91 -9.47 -2.67 6.71
C ASP A 91 -9.05 -1.84 5.52
N LEU A 92 -9.78 -1.98 4.43
CA LEU A 92 -9.59 -1.15 3.26
C LEU A 92 -10.92 -0.46 2.93
N PRO A 93 -11.15 0.73 3.50
CA PRO A 93 -12.39 1.47 3.28
C PRO A 93 -12.49 2.02 1.86
N PRO A 94 -13.73 2.19 1.35
CA PRO A 94 -13.98 2.63 -0.03
C PRO A 94 -13.31 3.97 -0.35
N HIS A 95 -13.08 4.78 0.67
CA HIS A 95 -12.47 6.08 0.47
C HIS A 95 -10.94 6.02 0.54
N LEU A 96 -10.40 4.82 0.35
CA LEU A 96 -8.95 4.66 0.24
C LEU A 96 -8.60 3.81 -0.97
N VAL A 97 -9.62 3.46 -1.76
CA VAL A 97 -9.43 2.60 -2.93
C VAL A 97 -8.99 3.43 -4.13
N PRO A 98 -7.79 3.13 -4.67
CA PRO A 98 -7.23 3.83 -5.82
C PRO A 98 -8.11 3.76 -7.06
N PRO A 99 -8.08 4.82 -7.91
CA PRO A 99 -8.89 4.92 -9.13
C PRO A 99 -8.68 3.73 -10.08
N SER A 100 -7.53 3.09 -9.96
CA SER A 100 -7.17 1.95 -10.80
C SER A 100 -8.07 0.74 -10.51
N LYS A 101 -8.88 0.83 -9.47
CA LYS A 101 -9.75 -0.28 -9.08
C LYS A 101 -11.23 0.10 -9.18
N ARG A 102 -11.52 1.11 -10.00
CA ARG A 102 -12.90 1.55 -10.22
C ARG A 102 -13.38 1.12 -11.59
N ARG A 103 -14.67 0.82 -11.71
CA ARG A 103 -15.27 0.65 -13.03
C ARG A 103 -15.27 1.98 -13.75
N HIS A 104 -14.42 2.10 -14.76
CA HIS A 104 -14.24 3.36 -15.45
C HIS A 104 -14.71 3.26 -16.90
N GLU A 105 -15.92 3.74 -17.13
CA GLU A 105 -16.54 3.69 -18.44
C GLU A 105 -17.52 4.84 -18.58
N PHE B 1 3.40 -24.76 -2.27
CA PHE B 1 2.55 -25.11 -3.44
C PHE B 1 1.12 -24.58 -3.27
N ASN B 2 0.40 -25.13 -2.29
CA ASN B 2 -1.04 -24.91 -2.15
C ASN B 2 -1.39 -23.45 -1.87
N TYR B 3 -0.47 -22.72 -1.26
CA TYR B 3 -0.72 -21.33 -0.86
C TYR B 3 0.02 -20.35 -1.76
N GLU B 4 0.69 -20.88 -2.80
CA GLU B 4 1.49 -20.07 -3.71
C GLU B 4 2.47 -19.16 -2.94
N SER B 5 2.83 -18.04 -3.55
CA SER B 5 3.69 -17.05 -2.90
C SER B 5 3.46 -15.67 -3.53
N THR B 6 2.94 -14.73 -2.76
CA THR B 6 2.67 -13.40 -3.28
C THR B 6 3.03 -12.32 -2.25
N ASP B 7 3.43 -12.75 -1.06
CA ASP B 7 3.77 -11.84 0.01
C ASP B 7 5.16 -12.17 0.56
N PRO B 8 6.04 -11.16 0.63
CA PRO B 8 7.44 -11.34 1.02
C PRO B 8 7.65 -11.53 2.52
N PHE B 9 6.57 -11.46 3.29
CA PHE B 9 6.67 -11.58 4.74
C PHE B 9 6.14 -12.93 5.20
N THR B 10 5.52 -13.65 4.29
CA THR B 10 4.92 -14.92 4.59
C THR B 10 5.37 -15.99 3.60
N ALA B 11 4.82 -17.20 3.74
CA ALA B 11 5.12 -18.32 2.84
C ALA B 11 6.58 -18.74 2.94
N LYS B 12 7.05 -19.49 1.95
CA LYS B 12 8.42 -19.97 1.93
C LYS B 12 8.83 -20.32 0.50
#